data_3RVH
#
_entry.id   3RVH
#
_cell.length_a   100.820
_cell.length_b   149.340
_cell.length_c   57.154
_cell.angle_alpha   90.000
_cell.angle_beta   90.000
_cell.angle_gamma   90.000
#
_symmetry.space_group_name_H-M   'P 21 21 2'
#
loop_
_entity.id
_entity.type
_entity.pdbx_description
1 polymer 'Lysine-specific demethylase 4A'
2 non-polymer 'NICKEL (II) ION'
3 non-polymer 'ZINC ION'
4 non-polymer '8-hydroxy-3-(piperazin-1-yl)quinoline-5-carboxylic acid'
5 non-polymer GLYCEROL
6 water water
#
_entity_poly.entity_id   1
_entity_poly.type   'polypeptide(L)'
_entity_poly.pdbx_seq_one_letter_code
;MHHHHHHSSGVDLGTENLYFQSMASESETLNPSARIMTFYPTMEEFRNFSRYIAYIESQGAHRAGLAKVVPPKEWKPRAS
YDDIDDLVIPAPIQQLVTGQSGLFTQYNIQKKAMTVREFRKIANSDKYCTPRYSEFEELERKYWKNLTFNPPIYGADVNG
TLYEKHVDEWNIGRLRTILDLVEKESGITIEGVNTPYLYFGMWKTSFAWHTEDMDLYSINYLHFGEPKSWYSVPPEHGKR
LERLAKGFFPGSAQSCEAFLRHKMTLISPLMLKKYGIPFDKVTQEAGEFMITFPYGYHAGFNHGFNCAESTNFATRRWIE
YGKQAVLCSCRKDMVKISMDVFVRKFQPERYKLWKAGKDNTVIDHTLPTPEAAEFLKESEL
;
_entity_poly.pdbx_strand_id   A,B
#
# COMPACT_ATOMS: atom_id res chain seq x y z
N SER A 25 9.44 19.80 -6.19
CA SER A 25 10.19 19.89 -4.94
C SER A 25 9.44 20.72 -3.89
N GLU A 26 8.89 21.86 -4.32
CA GLU A 26 8.08 22.70 -3.45
C GLU A 26 6.69 22.10 -3.28
N SER A 27 6.26 21.36 -4.30
CA SER A 27 4.95 20.70 -4.31
C SER A 27 4.98 19.41 -3.49
N GLU A 28 6.15 18.78 -3.45
CA GLU A 28 6.37 17.59 -2.64
C GLU A 28 6.48 17.95 -1.15
N THR A 29 6.69 19.24 -0.88
CA THR A 29 6.78 19.75 0.49
C THR A 29 5.43 20.17 1.05
N LEU A 30 4.40 20.22 0.18
CA LEU A 30 3.06 20.58 0.60
C LEU A 30 2.14 19.35 0.71
N ASN A 31 1.46 19.23 1.86
CA ASN A 31 0.70 18.04 2.21
C ASN A 31 1.46 16.74 1.93
N PRO A 32 2.64 16.60 2.54
CA PRO A 32 3.51 15.47 2.23
C PRO A 32 2.96 14.16 2.80
N SER A 33 2.03 14.27 3.74
CA SER A 33 1.36 13.11 4.29
C SER A 33 0.24 12.66 3.34
N ALA A 34 -0.16 13.58 2.47
CA ALA A 34 -1.21 13.32 1.46
C ALA A 34 -2.49 12.94 2.15
N ARG A 35 -2.76 13.61 3.27
CA ARG A 35 -4.00 13.42 4.02
C ARG A 35 -5.12 14.24 3.40
N ILE A 36 -6.36 13.83 3.62
CA ILE A 36 -7.52 14.58 3.13
C ILE A 36 -7.62 15.92 3.85
N MET A 37 -7.61 17.01 3.07
CA MET A 37 -7.67 18.35 3.63
C MET A 37 -9.10 18.89 3.60
N THR A 38 -9.40 19.85 4.47
CA THR A 38 -10.73 20.46 4.55
C THR A 38 -10.58 21.99 4.51
N PHE A 39 -11.35 22.65 3.65
CA PHE A 39 -11.25 24.10 3.49
C PHE A 39 -12.53 24.83 3.84
N TYR A 40 -12.36 26.03 4.37
CA TYR A 40 -13.46 26.90 4.73
C TYR A 40 -13.30 28.26 4.05
N PRO A 41 -13.63 28.32 2.76
CA PRO A 41 -13.51 29.58 2.02
C PRO A 41 -14.50 30.62 2.51
N THR A 42 -14.07 31.88 2.53
CA THR A 42 -14.98 32.99 2.70
C THR A 42 -15.74 33.17 1.41
N MET A 43 -16.74 34.03 1.42
CA MET A 43 -17.54 34.24 0.22
C MET A 43 -16.70 34.76 -0.95
N GLU A 44 -15.73 35.62 -0.67
CA GLU A 44 -14.91 36.22 -1.73
C GLU A 44 -14.03 35.15 -2.38
N GLU A 45 -13.55 34.21 -1.59
CA GLU A 45 -12.77 33.11 -2.12
C GLU A 45 -13.67 32.16 -2.91
N PHE A 46 -14.88 31.96 -2.41
CA PHE A 46 -15.82 30.98 -2.96
C PHE A 46 -16.23 31.27 -4.40
N ARG A 47 -16.44 32.54 -4.70
CA ARG A 47 -17.07 32.99 -5.96
C ARG A 47 -16.46 32.43 -7.23
N ASN A 48 -15.13 32.39 -7.32
CA ASN A 48 -14.46 31.90 -8.51
C ASN A 48 -14.09 30.44 -8.38
N PHE A 49 -14.86 29.58 -9.03
CA PHE A 49 -14.71 28.15 -8.83
C PHE A 49 -13.33 27.64 -9.23
N SER A 50 -12.95 27.89 -10.46
CA SER A 50 -11.69 27.38 -11.01
C SER A 50 -10.50 27.93 -10.22
N ARG A 51 -10.62 29.17 -9.76
CA ARG A 51 -9.56 29.81 -8.99
C ARG A 51 -9.40 29.12 -7.63
N TYR A 52 -10.51 28.79 -6.98
CA TYR A 52 -10.40 28.08 -5.71
C TYR A 52 -9.79 26.66 -5.82
N ILE A 53 -10.08 25.96 -6.92
CA ILE A 53 -9.48 24.64 -7.11
C ILE A 53 -7.96 24.79 -7.21
N ALA A 54 -7.52 25.77 -7.98
CA ALA A 54 -6.10 26.06 -8.09
C ALA A 54 -5.48 26.36 -6.73
N TYR A 55 -6.20 27.13 -5.92
CA TYR A 55 -5.74 27.42 -4.56
C TYR A 55 -5.55 26.17 -3.68
N ILE A 56 -6.55 25.30 -3.64
CA ILE A 56 -6.42 24.13 -2.77
C ILE A 56 -5.32 23.22 -3.29
N GLU A 57 -5.12 23.22 -4.60
CA GLU A 57 -3.99 22.50 -5.17
C GLU A 57 -2.67 23.15 -4.74
N SER A 58 -2.65 24.49 -4.65
CA SER A 58 -1.44 25.16 -4.18
C SER A 58 -1.15 24.80 -2.71
N GLN A 59 -2.16 24.27 -2.02
CA GLN A 59 -1.94 23.83 -0.65
C GLN A 59 -1.77 22.31 -0.55
N GLY A 60 -1.70 21.63 -1.69
CA GLY A 60 -1.42 20.20 -1.73
C GLY A 60 -2.61 19.25 -1.59
N ALA A 61 -3.83 19.82 -1.59
CA ALA A 61 -5.05 19.05 -1.40
C ALA A 61 -5.15 17.84 -2.32
N HIS A 62 -4.78 18.03 -3.59
CA HIS A 62 -4.99 17.01 -4.60
C HIS A 62 -4.21 15.76 -4.24
N ARG A 63 -3.13 15.92 -3.47
CA ARG A 63 -2.29 14.77 -3.15
C ARG A 63 -3.09 13.69 -2.45
N ALA A 64 -4.10 14.08 -1.68
CA ALA A 64 -4.97 13.08 -1.03
C ALA A 64 -5.88 12.34 -2.04
N GLY A 65 -6.16 12.97 -3.18
CA GLY A 65 -7.09 12.43 -4.16
C GLY A 65 -8.51 12.90 -3.92
N LEU A 66 -8.75 13.44 -2.74
CA LEU A 66 -10.08 13.83 -2.29
C LEU A 66 -9.91 15.02 -1.35
N ALA A 67 -10.80 16.00 -1.43
CA ALA A 67 -10.77 17.10 -0.47
C ALA A 67 -12.17 17.54 -0.13
N LYS A 68 -12.34 18.09 1.06
CA LYS A 68 -13.63 18.63 1.47
C LYS A 68 -13.60 20.16 1.45
N VAL A 69 -14.65 20.78 0.93
CA VAL A 69 -14.77 22.23 0.97
C VAL A 69 -16.09 22.57 1.63
N VAL A 70 -16.01 23.26 2.76
CA VAL A 70 -17.20 23.69 3.48
C VAL A 70 -17.50 25.12 3.04
N PRO A 71 -18.67 25.33 2.42
CA PRO A 71 -18.99 26.65 1.88
C PRO A 71 -19.39 27.63 2.98
N PRO A 72 -19.20 28.94 2.76
CA PRO A 72 -19.57 29.91 3.79
C PRO A 72 -21.03 29.75 4.15
N LYS A 73 -21.39 29.99 5.41
CA LYS A 73 -22.72 29.68 5.92
C LYS A 73 -23.83 30.53 5.30
N GLU A 74 -23.49 31.70 4.79
CA GLU A 74 -24.48 32.56 4.15
C GLU A 74 -24.82 32.09 2.73
N TRP A 75 -24.26 30.94 2.34
CA TRP A 75 -24.51 30.40 1.01
C TRP A 75 -25.48 29.22 1.05
N LYS A 76 -26.47 29.25 0.16
CA LYS A 76 -27.38 28.14 -0.02
C LYS A 76 -27.77 28.06 -1.50
N PRO A 77 -27.78 26.83 -2.07
CA PRO A 77 -28.04 26.65 -3.50
C PRO A 77 -29.52 26.47 -3.81
N ARG A 78 -30.34 26.37 -2.78
CA ARG A 78 -31.78 26.17 -2.95
C ARG A 78 -32.50 26.63 -1.68
N ALA A 79 -33.62 27.32 -1.86
CA ALA A 79 -34.35 27.84 -0.71
C ALA A 79 -34.92 26.72 0.14
N SER A 80 -35.62 25.78 -0.50
CA SER A 80 -36.33 24.72 0.21
C SER A 80 -36.30 23.38 -0.54
N TYR A 81 -36.05 22.29 0.18
CA TYR A 81 -36.17 20.96 -0.41
C TYR A 81 -37.49 20.31 -0.01
N ASP A 82 -38.57 21.09 0.02
CA ASP A 82 -39.89 20.58 0.37
C ASP A 82 -40.73 20.23 -0.85
N ASP A 83 -40.24 20.61 -2.04
CA ASP A 83 -41.06 20.55 -3.25
C ASP A 83 -40.68 19.44 -4.23
N ILE A 84 -39.92 18.45 -3.77
CA ILE A 84 -39.38 17.48 -4.71
C ILE A 84 -39.85 16.05 -4.51
N ASP A 85 -40.87 15.86 -3.67
CA ASP A 85 -41.36 14.53 -3.41
C ASP A 85 -41.89 13.86 -4.68
N ASP A 86 -42.35 14.67 -5.63
CA ASP A 86 -42.90 14.14 -6.87
C ASP A 86 -41.82 13.89 -7.93
N LEU A 87 -40.60 14.34 -7.65
CA LEU A 87 -39.49 14.09 -8.58
C LEU A 87 -39.31 12.59 -8.82
N VAL A 88 -39.23 12.22 -10.09
CA VAL A 88 -39.11 10.81 -10.48
C VAL A 88 -37.66 10.31 -10.50
N ILE A 89 -37.45 9.12 -9.93
CA ILE A 89 -36.22 8.33 -10.04
C ILE A 89 -36.50 7.22 -11.06
N PRO A 90 -36.11 7.42 -12.32
CA PRO A 90 -36.49 6.55 -13.44
C PRO A 90 -35.93 5.12 -13.34
N ALA A 91 -34.83 4.94 -12.61
CA ALA A 91 -34.10 3.67 -12.66
C ALA A 91 -33.38 3.37 -11.33
N PRO A 92 -34.15 3.16 -10.26
CA PRO A 92 -33.53 2.80 -8.99
C PRO A 92 -32.85 1.44 -9.15
N ILE A 93 -31.72 1.26 -8.47
CA ILE A 93 -31.00 0.00 -8.59
C ILE A 93 -30.91 -0.65 -7.22
N GLN A 94 -31.18 -1.94 -7.17
CA GLN A 94 -31.02 -2.68 -5.94
C GLN A 94 -29.61 -3.23 -5.95
N GLN A 95 -28.88 -3.05 -4.86
CA GLN A 95 -27.45 -3.39 -4.86
C GLN A 95 -27.22 -4.73 -4.19
N LEU A 96 -26.96 -5.74 -5.01
CA LEU A 96 -26.64 -7.06 -4.47
C LEU A 96 -25.13 -7.24 -4.35
N VAL A 97 -24.67 -7.47 -3.12
CA VAL A 97 -23.24 -7.59 -2.88
C VAL A 97 -22.87 -9.01 -2.46
N THR A 98 -21.78 -9.49 -3.05
CA THR A 98 -21.32 -10.85 -2.86
C THR A 98 -19.85 -10.85 -2.53
N GLY A 99 -19.47 -11.59 -1.50
CA GLY A 99 -18.07 -11.74 -1.15
C GLY A 99 -17.84 -12.02 0.32
N GLN A 100 -16.58 -11.92 0.74
CA GLN A 100 -16.16 -12.25 2.11
C GLN A 100 -14.73 -11.73 2.35
N SER A 101 -14.29 -11.72 3.61
CA SER A 101 -12.90 -11.37 3.93
C SER A 101 -12.50 -10.01 3.38
N GLY A 102 -13.41 -9.05 3.41
CA GLY A 102 -13.15 -7.69 2.98
C GLY A 102 -13.12 -7.45 1.48
N LEU A 103 -13.35 -8.50 0.68
CA LEU A 103 -13.41 -8.34 -0.80
C LEU A 103 -14.79 -8.69 -1.35
N PHE A 104 -15.39 -7.77 -2.11
CA PHE A 104 -16.75 -7.95 -2.59
C PHE A 104 -16.95 -7.47 -4.03
N THR A 105 -17.95 -8.07 -4.69
CA THR A 105 -18.42 -7.60 -5.99
C THR A 105 -19.89 -7.25 -5.91
N GLN A 106 -20.23 -6.07 -6.41
CA GLN A 106 -21.58 -5.54 -6.34
C GLN A 106 -22.29 -5.69 -7.67
N TYR A 107 -23.46 -6.32 -7.64
CA TYR A 107 -24.26 -6.49 -8.85
C TYR A 107 -25.47 -5.62 -8.74
N ASN A 108 -25.82 -4.97 -9.84
CA ASN A 108 -26.97 -4.07 -9.83
C ASN A 108 -28.20 -4.75 -10.39
N ILE A 109 -29.31 -4.53 -9.73
CA ILE A 109 -30.59 -5.00 -10.24
C ILE A 109 -31.49 -3.79 -10.41
N GLN A 110 -31.77 -3.43 -11.66
CA GLN A 110 -32.61 -2.27 -11.90
C GLN A 110 -34.04 -2.57 -11.51
N LYS A 111 -34.64 -1.65 -10.77
CA LYS A 111 -36.03 -1.76 -10.34
C LYS A 111 -36.86 -0.75 -11.10
N LYS A 112 -38.17 -0.86 -10.95
CA LYS A 112 -39.10 0.03 -11.62
C LYS A 112 -39.01 1.46 -11.10
N ALA A 113 -39.25 2.41 -12.00
CA ALA A 113 -39.32 3.82 -11.64
C ALA A 113 -40.04 4.04 -10.32
N MET A 114 -39.63 5.08 -9.59
CA MET A 114 -40.32 5.48 -8.37
CA MET A 114 -40.33 5.48 -8.37
C MET A 114 -40.03 6.94 -8.06
N THR A 115 -40.88 7.55 -7.24
CA THR A 115 -40.75 8.95 -6.86
C THR A 115 -39.90 9.06 -5.62
N VAL A 116 -39.43 10.27 -5.35
CA VAL A 116 -38.66 10.51 -4.14
C VAL A 116 -39.47 10.17 -2.89
N ARG A 117 -40.75 10.50 -2.91
CA ARG A 117 -41.62 10.20 -1.79
C ARG A 117 -41.58 8.70 -1.50
N GLU A 118 -41.83 7.90 -2.54
CA GLU A 118 -41.77 6.46 -2.42
C GLU A 118 -40.40 6.02 -1.89
N PHE A 119 -39.34 6.59 -2.47
CA PHE A 119 -37.98 6.18 -2.11
C PHE A 119 -37.74 6.45 -0.64
N ARG A 120 -38.09 7.66 -0.20
CA ARG A 120 -37.88 8.04 1.20
C ARG A 120 -38.62 7.09 2.15
N LYS A 121 -39.85 6.74 1.81
CA LYS A 121 -40.64 5.85 2.66
C LYS A 121 -39.91 4.52 2.87
N ILE A 122 -39.47 3.93 1.77
CA ILE A 122 -38.67 2.71 1.86
C ILE A 122 -37.40 2.93 2.69
N ALA A 123 -36.67 4.02 2.43
CA ALA A 123 -35.39 4.27 3.13
C ALA A 123 -35.54 4.32 4.65
N ASN A 124 -36.60 4.97 5.09
CA ASN A 124 -36.81 5.21 6.51
C ASN A 124 -37.61 4.10 7.19
N SER A 125 -38.11 3.15 6.40
CA SER A 125 -38.85 2.04 6.97
C SER A 125 -37.90 1.23 7.85
N ASP A 126 -38.44 0.49 8.80
CA ASP A 126 -37.63 -0.32 9.70
C ASP A 126 -36.72 -1.26 8.92
N LYS A 127 -37.21 -1.71 7.77
CA LYS A 127 -36.49 -2.67 6.99
C LYS A 127 -35.15 -2.09 6.49
N TYR A 128 -35.16 -0.85 5.99
CA TYR A 128 -33.97 -0.30 5.35
C TYR A 128 -33.22 0.77 6.13
N CYS A 129 -33.79 1.20 7.26
CA CYS A 129 -33.25 2.37 7.97
C CYS A 129 -31.92 2.13 8.67
N THR A 130 -31.28 3.22 9.03
CA THR A 130 -29.97 3.23 9.66
C THR A 130 -29.99 2.60 11.06
N PRO A 131 -29.07 1.67 11.32
CA PRO A 131 -28.96 1.07 12.65
C PRO A 131 -28.46 2.10 13.66
N ARG A 132 -28.71 1.85 14.94
CA ARG A 132 -28.26 2.75 16.00
C ARG A 132 -26.78 2.53 16.29
N TYR A 133 -26.10 3.58 16.73
CA TYR A 133 -24.67 3.49 17.00
C TYR A 133 -24.20 4.72 17.77
N SER A 134 -22.98 4.64 18.31
CA SER A 134 -22.39 5.78 19.03
C SER A 134 -21.36 6.51 18.17
N GLU A 135 -20.16 5.98 18.11
CA GLU A 135 -19.11 6.54 17.27
C GLU A 135 -19.29 6.12 15.80
N PHE A 136 -18.73 6.91 14.89
CA PHE A 136 -18.75 6.56 13.47
C PHE A 136 -18.08 5.21 13.21
N GLU A 137 -17.02 4.91 13.97
CA GLU A 137 -16.32 3.66 13.78
C GLU A 137 -17.27 2.48 13.94
N GLU A 138 -18.29 2.66 14.78
CA GLU A 138 -19.29 1.62 15.02
C GLU A 138 -20.19 1.40 13.79
N LEU A 139 -20.73 2.49 13.24
CA LEU A 139 -21.51 2.40 12.01
C LEU A 139 -20.66 1.80 10.88
N GLU A 140 -19.41 2.22 10.79
CA GLU A 140 -18.52 1.73 9.75
C GLU A 140 -18.34 0.23 9.88
N ARG A 141 -18.15 -0.25 11.11
CA ARG A 141 -18.03 -1.69 11.35
C ARG A 141 -19.29 -2.43 10.93
N LYS A 142 -20.46 -1.83 11.21
CA LYS A 142 -21.73 -2.42 10.84
C LYS A 142 -21.90 -2.47 9.32
N TYR A 143 -21.41 -1.43 8.65
CA TYR A 143 -21.49 -1.41 7.21
C TYR A 143 -20.70 -2.61 6.64
N TRP A 144 -19.44 -2.76 7.02
CA TRP A 144 -18.63 -3.87 6.52
C TRP A 144 -19.07 -5.27 6.98
N LYS A 145 -19.85 -5.32 8.04
CA LYS A 145 -20.37 -6.59 8.55
C LYS A 145 -21.65 -7.02 7.78
N ASN A 146 -22.51 -6.05 7.45
CA ASN A 146 -23.82 -6.34 6.91
C ASN A 146 -24.04 -5.99 5.43
N LEU A 147 -22.95 -5.65 4.74
CA LEU A 147 -22.96 -5.18 3.36
CA LEU A 147 -23.09 -5.13 3.39
C LEU A 147 -23.61 -6.15 2.38
N THR A 148 -23.43 -7.45 2.64
CA THR A 148 -23.97 -8.47 1.74
C THR A 148 -25.41 -8.91 2.10
N PHE A 149 -25.96 -8.39 3.20
CA PHE A 149 -27.32 -8.77 3.62
C PHE A 149 -28.35 -7.71 3.24
N ASN A 150 -29.62 -8.10 3.11
CA ASN A 150 -30.72 -7.14 2.92
C ASN A 150 -30.38 -6.01 1.94
N PRO A 151 -30.24 -6.37 0.66
CA PRO A 151 -29.73 -5.46 -0.38
C PRO A 151 -30.60 -4.22 -0.49
N PRO A 152 -29.97 -3.05 -0.41
CA PRO A 152 -30.68 -1.76 -0.41
C PRO A 152 -30.98 -1.31 -1.84
N ILE A 153 -31.72 -0.20 -1.92
CA ILE A 153 -32.01 0.43 -3.20
C ILE A 153 -31.31 1.78 -3.21
N TYR A 154 -30.65 2.09 -4.32
CA TYR A 154 -29.95 3.36 -4.53
C TYR A 154 -30.64 4.08 -5.67
N GLY A 155 -31.09 5.32 -5.44
CA GLY A 155 -31.73 6.11 -6.49
C GLY A 155 -30.67 6.91 -7.21
N ALA A 156 -29.84 6.21 -7.97
CA ALA A 156 -28.63 6.79 -8.56
C ALA A 156 -28.80 7.24 -10.01
N ASP A 157 -27.89 8.09 -10.47
CA ASP A 157 -27.84 8.54 -11.86
C ASP A 157 -29.11 9.23 -12.33
N VAL A 158 -29.71 10.01 -11.46
CA VAL A 158 -30.90 10.74 -11.86
C VAL A 158 -30.46 12.03 -12.55
N ASN A 159 -30.86 12.19 -13.81
CA ASN A 159 -30.55 13.39 -14.56
C ASN A 159 -31.24 14.58 -13.95
N GLY A 160 -30.46 15.59 -13.55
CA GLY A 160 -31.05 16.78 -12.98
C GLY A 160 -30.17 17.53 -12.01
N THR A 161 -30.65 18.70 -11.61
CA THR A 161 -29.98 19.54 -10.65
C THR A 161 -31.00 20.03 -9.63
N LEU A 162 -30.54 20.32 -8.42
CA LEU A 162 -31.41 20.91 -7.42
C LEU A 162 -31.04 22.35 -7.11
N TYR A 163 -30.08 22.91 -7.87
CA TYR A 163 -29.70 24.32 -7.74
C TYR A 163 -30.77 25.27 -8.28
N GLU A 164 -31.05 26.34 -7.54
CA GLU A 164 -31.93 27.40 -8.04
CA GLU A 164 -31.94 27.37 -8.07
C GLU A 164 -31.27 28.06 -9.25
N LYS A 165 -32.07 28.45 -10.25
CA LYS A 165 -31.56 28.99 -11.51
C LYS A 165 -30.53 30.12 -11.40
N HIS A 166 -30.51 30.81 -10.27
CA HIS A 166 -29.72 32.04 -10.14
C HIS A 166 -28.47 31.95 -9.25
N VAL A 167 -28.18 30.75 -8.75
CA VAL A 167 -26.97 30.54 -7.96
C VAL A 167 -25.74 30.57 -8.88
N ASP A 168 -24.81 31.49 -8.62
CA ASP A 168 -23.66 31.70 -9.51
C ASP A 168 -22.36 31.13 -8.95
N GLU A 169 -22.38 30.70 -7.70
CA GLU A 169 -21.19 30.13 -7.07
C GLU A 169 -21.30 28.61 -7.01
N TRP A 170 -20.27 27.93 -7.52
CA TRP A 170 -20.18 26.47 -7.41
C TRP A 170 -21.46 25.80 -7.92
N ASN A 171 -22.01 26.34 -9.00
CA ASN A 171 -23.23 25.78 -9.56
C ASN A 171 -22.90 24.60 -10.47
N ILE A 172 -23.23 23.41 -9.98
CA ILE A 172 -22.84 22.16 -10.63
C ILE A 172 -23.36 22.07 -12.07
N GLY A 173 -24.42 22.80 -12.36
CA GLY A 173 -24.95 22.88 -13.71
C GLY A 173 -24.14 23.75 -14.66
N ARG A 174 -23.20 24.52 -14.14
CA ARG A 174 -22.39 25.39 -14.99
C ARG A 174 -21.15 25.91 -14.26
N LEU A 175 -20.19 25.03 -14.06
CA LEU A 175 -18.95 25.41 -13.39
C LEU A 175 -18.01 26.24 -14.29
N ARG A 176 -18.24 26.19 -15.60
CA ARG A 176 -17.40 26.91 -16.55
C ARG A 176 -15.91 26.57 -16.45
N THR A 177 -15.59 25.27 -16.48
CA THR A 177 -14.21 24.84 -16.58
C THR A 177 -13.92 24.45 -18.03
N ILE A 178 -12.67 24.12 -18.33
CA ILE A 178 -12.33 23.75 -19.70
C ILE A 178 -12.99 22.44 -20.15
N LEU A 179 -13.61 21.70 -19.24
CA LEU A 179 -14.34 20.52 -19.68
C LEU A 179 -15.45 20.95 -20.65
N ASP A 180 -15.88 22.22 -20.56
CA ASP A 180 -16.88 22.75 -21.49
C ASP A 180 -16.45 22.67 -22.94
N LEU A 181 -15.15 22.57 -23.20
CA LEU A 181 -14.63 22.47 -24.57
CA LEU A 181 -14.64 22.48 -24.57
C LEU A 181 -15.23 21.28 -25.31
N VAL A 182 -15.58 20.22 -24.58
CA VAL A 182 -16.13 19.02 -25.21
C VAL A 182 -17.47 19.32 -25.89
N GLU A 183 -18.43 19.80 -25.13
CA GLU A 183 -19.72 20.14 -25.72
C GLU A 183 -19.57 21.25 -26.77
N LYS A 184 -18.83 22.30 -26.40
CA LYS A 184 -18.60 23.47 -27.25
C LYS A 184 -18.10 23.12 -28.65
N GLU A 185 -17.10 22.24 -28.73
CA GLU A 185 -16.57 21.79 -30.01
C GLU A 185 -17.44 20.77 -30.76
N SER A 186 -18.00 19.80 -30.04
CA SER A 186 -18.54 18.62 -30.69
C SER A 186 -20.06 18.47 -30.53
N GLY A 187 -20.66 19.29 -29.67
CA GLY A 187 -22.06 19.13 -29.32
C GLY A 187 -22.32 17.95 -28.38
N ILE A 188 -21.28 17.18 -28.06
CA ILE A 188 -21.45 15.96 -27.27
C ILE A 188 -21.73 16.18 -25.79
N THR A 189 -22.83 15.63 -25.30
CA THR A 189 -23.06 15.56 -23.86
C THR A 189 -22.99 14.12 -23.36
N ILE A 190 -22.42 13.97 -22.16
CA ILE A 190 -22.23 12.68 -21.54
C ILE A 190 -22.85 12.80 -20.14
N GLU A 191 -23.98 12.13 -19.95
CA GLU A 191 -24.79 12.27 -18.74
C GLU A 191 -23.99 12.04 -17.47
N GLY A 192 -24.09 12.98 -16.52
CA GLY A 192 -23.33 12.88 -15.28
C GLY A 192 -21.87 13.31 -15.40
N VAL A 193 -21.35 13.43 -16.63
CA VAL A 193 -19.95 13.83 -16.78
C VAL A 193 -19.82 15.33 -17.10
N ASN A 194 -20.42 15.78 -18.20
CA ASN A 194 -20.60 17.21 -18.40
C ASN A 194 -22.06 17.64 -18.25
N THR A 195 -22.84 16.84 -17.50
CA THR A 195 -24.17 17.22 -17.02
C THR A 195 -24.34 16.66 -15.59
N PRO A 196 -25.28 17.23 -14.81
CA PRO A 196 -25.38 16.81 -13.40
C PRO A 196 -26.23 15.58 -13.16
N TYR A 197 -25.82 14.82 -12.13
CA TYR A 197 -26.55 13.66 -11.66
C TYR A 197 -26.97 13.90 -10.24
N LEU A 198 -28.13 13.35 -9.88
CA LEU A 198 -28.58 13.35 -8.50
C LEU A 198 -28.55 11.90 -8.03
N TYR A 199 -28.22 11.71 -6.76
CA TYR A 199 -28.18 10.40 -6.16
C TYR A 199 -28.95 10.44 -4.86
N PHE A 200 -30.02 9.65 -4.80
CA PHE A 200 -30.78 9.51 -3.56
C PHE A 200 -30.34 8.27 -2.81
N GLY A 201 -29.76 8.45 -1.64
CA GLY A 201 -29.16 7.34 -0.91
C GLY A 201 -30.02 6.80 0.23
N MET A 202 -29.77 5.57 0.62
CA MET A 202 -30.28 5.02 1.87
C MET A 202 -29.15 4.33 2.60
N TRP A 203 -29.42 3.92 3.83
CA TRP A 203 -28.44 3.21 4.62
C TRP A 203 -27.80 2.13 3.78
N LYS A 204 -26.47 2.15 3.74
CA LYS A 204 -25.71 1.01 3.24
C LYS A 204 -25.70 0.89 1.73
N THR A 205 -26.21 1.90 1.03
CA THR A 205 -25.97 1.98 -0.42
C THR A 205 -24.52 2.43 -0.63
N SER A 206 -23.92 1.93 -1.70
CA SER A 206 -22.47 1.97 -1.87
C SER A 206 -22.01 2.52 -3.23
N PHE A 207 -20.86 3.16 -3.24
CA PHE A 207 -20.13 3.39 -4.48
C PHE A 207 -18.78 2.69 -4.40
N ALA A 208 -18.49 1.91 -5.43
CA ALA A 208 -17.30 1.05 -5.49
C ALA A 208 -16.02 1.83 -5.78
N TRP A 209 -14.88 1.16 -5.59
CA TRP A 209 -13.58 1.76 -5.82
C TRP A 209 -13.36 2.11 -7.30
N HIS A 210 -13.04 3.37 -7.57
CA HIS A 210 -12.72 3.80 -8.92
C HIS A 210 -12.13 5.22 -8.97
N THR A 211 -11.58 5.56 -10.12
CA THR A 211 -11.28 6.95 -10.43
C THR A 211 -12.31 7.39 -11.44
N GLU A 212 -12.48 8.70 -11.61
CA GLU A 212 -13.49 9.20 -12.56
C GLU A 212 -13.21 8.78 -14.00
N ASP A 213 -14.27 8.74 -14.81
CA ASP A 213 -14.07 8.57 -16.26
C ASP A 213 -13.03 9.55 -16.83
N MET A 214 -12.19 9.06 -17.75
CA MET A 214 -11.06 9.86 -18.29
C MET A 214 -10.19 10.46 -17.19
N ASP A 215 -10.30 9.89 -15.98
CA ASP A 215 -9.54 10.38 -14.84
C ASP A 215 -9.77 11.87 -14.61
N LEU A 216 -11.00 12.33 -14.87
CA LEU A 216 -11.40 13.70 -14.60
C LEU A 216 -11.50 14.01 -13.10
N TYR A 217 -11.68 15.30 -12.77
CA TYR A 217 -12.08 15.68 -11.43
C TYR A 217 -13.59 15.43 -11.28
N SER A 218 -14.07 15.37 -10.04
CA SER A 218 -15.50 15.53 -9.83
C SER A 218 -15.77 16.42 -8.63
N ILE A 219 -16.98 16.96 -8.63
CA ILE A 219 -17.48 17.71 -7.51
C ILE A 219 -18.73 17.01 -6.98
N ASN A 220 -18.86 16.91 -5.66
CA ASN A 220 -20.01 16.24 -5.06
C ASN A 220 -20.55 17.12 -3.94
N TYR A 221 -21.81 17.53 -4.07
CA TYR A 221 -22.46 18.32 -3.05
C TYR A 221 -23.60 17.52 -2.40
N LEU A 222 -23.58 17.43 -1.08
CA LEU A 222 -24.65 16.72 -0.38
C LEU A 222 -25.77 17.70 0.03
N HIS A 223 -26.83 17.77 -0.78
CA HIS A 223 -27.96 18.66 -0.54
C HIS A 223 -28.57 18.50 0.87
N PHE A 224 -28.92 17.27 1.24
CA PHE A 224 -29.50 17.05 2.57
C PHE A 224 -29.43 15.61 3.03
N GLY A 225 -29.78 15.40 4.30
CA GLY A 225 -29.92 14.07 4.85
C GLY A 225 -28.70 13.62 5.64
N GLU A 226 -28.62 12.31 5.80
CA GLU A 226 -27.57 11.66 6.55
C GLU A 226 -26.25 11.70 5.77
N PRO A 227 -25.14 11.44 6.46
CA PRO A 227 -23.83 11.62 5.84
C PRO A 227 -23.51 10.58 4.78
N LYS A 228 -22.46 10.88 4.02
CA LYS A 228 -21.89 9.96 3.05
C LYS A 228 -20.43 9.87 3.42
N SER A 229 -19.96 8.66 3.69
CA SER A 229 -18.59 8.43 4.08
C SER A 229 -17.76 8.01 2.87
N TRP A 230 -16.53 8.52 2.81
CA TRP A 230 -15.63 8.31 1.68
C TRP A 230 -14.34 7.64 2.10
N TYR A 231 -13.79 6.80 1.23
CA TYR A 231 -12.40 6.38 1.34
C TYR A 231 -11.64 6.89 0.09
N SER A 232 -10.34 7.12 0.23
CA SER A 232 -9.54 7.60 -0.88
CA SER A 232 -9.54 7.63 -0.86
C SER A 232 -8.12 7.10 -0.79
N VAL A 233 -7.52 6.86 -1.96
CA VAL A 233 -6.12 6.48 -2.05
C VAL A 233 -5.38 7.57 -2.84
N PRO A 234 -4.28 8.10 -2.29
CA PRO A 234 -3.49 9.12 -3.03
C PRO A 234 -3.19 8.69 -4.47
N PRO A 235 -3.40 9.61 -5.44
CA PRO A 235 -3.05 9.34 -6.84
C PRO A 235 -1.62 8.81 -6.92
N GLU A 236 -0.72 9.38 -6.11
CA GLU A 236 0.65 8.88 -6.10
C GLU A 236 0.76 7.40 -5.70
N HIS A 237 -0.31 6.84 -5.15
CA HIS A 237 -0.29 5.42 -4.82
C HIS A 237 -1.34 4.58 -5.56
N GLY A 238 -2.01 5.20 -6.53
CA GLY A 238 -3.05 4.56 -7.31
C GLY A 238 -2.64 3.23 -7.91
N LYS A 239 -1.41 3.17 -8.43
CA LYS A 239 -0.95 1.95 -9.09
C LYS A 239 -0.86 0.79 -8.13
N ARG A 240 -0.54 1.07 -6.87
CA ARG A 240 -0.45 0.00 -5.87
C ARG A 240 -1.83 -0.62 -5.64
N LEU A 241 -2.85 0.23 -5.51
CA LEU A 241 -4.22 -0.27 -5.35
C LEU A 241 -4.59 -1.15 -6.54
N GLU A 242 -4.20 -0.73 -7.74
CA GLU A 242 -4.50 -1.50 -8.95
C GLU A 242 -3.81 -2.86 -8.92
N ARG A 243 -2.53 -2.89 -8.57
CA ARG A 243 -1.82 -4.16 -8.50
CA ARG A 243 -1.80 -4.16 -8.48
C ARG A 243 -2.50 -5.10 -7.52
N LEU A 244 -2.90 -4.58 -6.36
CA LEU A 244 -3.57 -5.39 -5.36
C LEU A 244 -4.90 -5.94 -5.88
N ALA A 245 -5.71 -5.08 -6.48
CA ALA A 245 -7.00 -5.48 -7.01
C ALA A 245 -6.87 -6.54 -8.10
N LYS A 246 -5.83 -6.43 -8.93
CA LYS A 246 -5.62 -7.43 -9.97
C LYS A 246 -5.34 -8.81 -9.36
N GLY A 247 -4.53 -8.86 -8.31
CA GLY A 247 -4.28 -10.10 -7.58
C GLY A 247 -5.54 -10.67 -6.93
N PHE A 248 -6.38 -9.78 -6.43
CA PHE A 248 -7.63 -10.19 -5.79
C PHE A 248 -8.70 -10.67 -6.78
N PHE A 249 -8.75 -10.04 -7.95
CA PHE A 249 -9.75 -10.40 -8.96
C PHE A 249 -9.09 -10.67 -10.30
N PRO A 250 -8.27 -11.73 -10.34
CA PRO A 250 -7.45 -12.03 -11.51
C PRO A 250 -8.32 -12.31 -12.73
N GLY A 251 -9.52 -12.83 -12.50
CA GLY A 251 -10.43 -13.12 -13.59
C GLY A 251 -10.91 -11.85 -14.27
N SER A 252 -11.33 -10.88 -13.46
CA SER A 252 -11.78 -9.59 -13.97
C SER A 252 -10.65 -8.83 -14.66
N ALA A 253 -9.46 -8.86 -14.05
CA ALA A 253 -8.32 -8.14 -14.61
C ALA A 253 -7.88 -8.71 -15.96
N GLN A 254 -8.00 -10.02 -16.13
CA GLN A 254 -7.63 -10.64 -17.39
C GLN A 254 -8.60 -10.23 -18.50
N SER A 255 -9.87 -10.09 -18.15
CA SER A 255 -10.92 -9.78 -19.12
C SER A 255 -10.95 -8.29 -19.51
N CYS A 256 -10.51 -7.42 -18.62
CA CYS A 256 -10.52 -6.00 -18.93
C CYS A 256 -9.31 -5.26 -18.36
N GLU A 257 -8.77 -4.33 -19.14
CA GLU A 257 -7.54 -3.64 -18.77
C GLU A 257 -7.76 -2.63 -17.64
N ALA A 258 -9.02 -2.38 -17.32
CA ALA A 258 -9.35 -1.39 -16.32
C ALA A 258 -10.65 -1.76 -15.60
N PHE A 259 -10.72 -2.99 -15.09
CA PHE A 259 -11.99 -3.52 -14.54
C PHE A 259 -12.62 -2.67 -13.42
N LEU A 260 -11.80 -1.96 -12.63
CA LEU A 260 -12.34 -1.11 -11.56
C LEU A 260 -13.32 -0.05 -12.10
N ARG A 261 -13.18 0.30 -13.39
CA ARG A 261 -14.09 1.26 -14.01
C ARG A 261 -15.52 0.71 -14.15
N HIS A 262 -15.67 -0.62 -14.04
CA HIS A 262 -17.00 -1.21 -13.96
C HIS A 262 -17.69 -0.72 -12.70
N LYS A 263 -16.90 -0.29 -11.73
CA LYS A 263 -17.46 0.23 -10.46
C LYS A 263 -18.28 -0.84 -9.73
N MET A 264 -17.74 -2.05 -9.64
CA MET A 264 -18.44 -3.14 -8.97
C MET A 264 -17.62 -3.68 -7.82
N THR A 265 -16.43 -3.15 -7.63
CA THR A 265 -15.49 -3.74 -6.69
C THR A 265 -15.37 -3.00 -5.34
N LEU A 266 -15.67 -3.71 -4.26
CA LEU A 266 -15.64 -3.13 -2.91
C LEU A 266 -14.55 -3.77 -2.09
N ILE A 267 -13.75 -2.93 -1.42
CA ILE A 267 -12.60 -3.40 -0.65
C ILE A 267 -12.54 -2.64 0.67
N SER A 268 -12.52 -3.37 1.77
CA SER A 268 -12.66 -2.73 3.08
C SER A 268 -11.35 -2.10 3.55
N PRO A 269 -11.44 -1.12 4.44
CA PRO A 269 -10.23 -0.46 4.93
C PRO A 269 -9.26 -1.45 5.59
N LEU A 270 -9.78 -2.46 6.30
CA LEU A 270 -8.88 -3.45 6.92
C LEU A 270 -8.03 -4.15 5.87
N MET A 271 -8.67 -4.51 4.74
CA MET A 271 -7.95 -5.17 3.67
C MET A 271 -6.87 -4.27 3.10
N LEU A 272 -7.19 -2.98 2.90
CA LEU A 272 -6.18 -2.02 2.47
C LEU A 272 -5.02 -1.93 3.47
N LYS A 273 -5.33 -1.83 4.76
CA LYS A 273 -4.28 -1.82 5.78
C LYS A 273 -3.42 -3.08 5.71
N LYS A 274 -4.09 -4.23 5.63
CA LYS A 274 -3.41 -5.51 5.63
C LYS A 274 -2.37 -5.61 4.50
N TYR A 275 -2.64 -4.96 3.38
CA TYR A 275 -1.71 -5.01 2.26
C TYR A 275 -0.91 -3.72 2.01
N GLY A 276 -0.87 -2.85 3.02
CA GLY A 276 -0.01 -1.69 2.97
C GLY A 276 -0.39 -0.61 1.97
N ILE A 277 -1.65 -0.56 1.55
CA ILE A 277 -2.09 0.51 0.65
C ILE A 277 -2.46 1.75 1.45
N PRO A 278 -1.76 2.87 1.21
CA PRO A 278 -2.08 4.11 1.95
C PRO A 278 -3.47 4.62 1.54
N PHE A 279 -4.26 5.05 2.49
CA PHE A 279 -5.59 5.59 2.20
C PHE A 279 -6.04 6.46 3.38
N ASP A 280 -7.01 7.33 3.14
CA ASP A 280 -7.57 8.16 4.19
C ASP A 280 -9.09 7.98 4.13
N LYS A 281 -9.78 8.45 5.16
CA LYS A 281 -11.24 8.38 5.19
C LYS A 281 -11.81 9.68 5.70
N VAL A 282 -12.99 10.06 5.19
CA VAL A 282 -13.60 11.31 5.59
C VAL A 282 -15.10 11.16 5.44
N THR A 283 -15.83 11.79 6.34
CA THR A 283 -17.28 11.76 6.31
C THR A 283 -17.86 13.09 5.90
N GLN A 284 -18.69 13.05 4.86
CA GLN A 284 -19.31 14.25 4.31
C GLN A 284 -20.69 14.51 4.94
N GLU A 285 -20.92 15.74 5.41
CA GLU A 285 -22.22 16.12 5.98
C GLU A 285 -23.03 16.93 4.98
N ALA A 286 -24.36 16.89 5.11
CA ALA A 286 -25.25 17.75 4.32
C ALA A 286 -24.72 19.18 4.31
N GLY A 287 -24.75 19.82 3.15
CA GLY A 287 -24.19 21.16 3.01
C GLY A 287 -22.70 21.22 2.71
N GLU A 288 -22.06 20.07 2.57
CA GLU A 288 -20.62 20.07 2.27
C GLU A 288 -20.27 19.60 0.85
N PHE A 289 -19.16 20.11 0.31
CA PHE A 289 -18.69 19.67 -1.01
C PHE A 289 -17.53 18.69 -0.84
N MET A 290 -17.46 17.70 -1.72
CA MET A 290 -16.24 16.90 -1.86
C MET A 290 -15.74 17.09 -3.28
N ILE A 291 -14.43 17.24 -3.43
CA ILE A 291 -13.79 17.34 -4.73
C ILE A 291 -12.95 16.09 -4.85
N THR A 292 -13.06 15.38 -5.97
CA THR A 292 -12.11 14.29 -6.22
C THR A 292 -11.20 14.74 -7.35
N PHE A 293 -9.95 14.32 -7.27
CA PHE A 293 -8.93 14.77 -8.19
C PHE A 293 -8.55 13.66 -9.18
N PRO A 294 -7.94 14.06 -10.32
CA PRO A 294 -7.55 13.11 -11.37
C PRO A 294 -6.76 11.93 -10.81
N TYR A 295 -7.18 10.72 -11.19
CA TYR A 295 -6.54 9.51 -10.72
C TYR A 295 -6.63 9.26 -9.19
N GLY A 296 -7.60 9.89 -8.55
CA GLY A 296 -7.85 9.57 -7.15
C GLY A 296 -8.83 8.41 -7.05
N TYR A 297 -8.36 7.23 -6.66
CA TYR A 297 -9.28 6.14 -6.37
C TYR A 297 -10.10 6.48 -5.12
N HIS A 298 -11.39 6.23 -5.16
CA HIS A 298 -12.24 6.49 -4.02
C HIS A 298 -13.41 5.51 -4.02
N ALA A 299 -14.06 5.42 -2.86
CA ALA A 299 -15.20 4.54 -2.66
C ALA A 299 -15.86 5.03 -1.36
N GLY A 300 -17.04 4.50 -1.04
CA GLY A 300 -17.75 4.92 0.15
C GLY A 300 -19.15 4.35 0.27
N PHE A 301 -19.95 4.94 1.16
CA PHE A 301 -21.32 4.48 1.43
C PHE A 301 -22.16 5.56 2.08
N ASN A 302 -23.47 5.46 1.97
CA ASN A 302 -24.37 6.42 2.60
C ASN A 302 -24.86 5.93 3.97
N HIS A 303 -25.01 6.86 4.92
CA HIS A 303 -25.42 6.51 6.28
C HIS A 303 -26.91 6.29 6.36
N GLY A 304 -27.66 6.93 5.46
CA GLY A 304 -29.11 6.86 5.50
C GLY A 304 -29.70 7.66 4.35
N PHE A 305 -31.00 7.93 4.41
CA PHE A 305 -31.66 8.74 3.41
C PHE A 305 -30.93 10.06 3.22
N ASN A 306 -30.55 10.35 1.98
CA ASN A 306 -29.82 11.58 1.62
C ASN A 306 -29.90 11.87 0.14
N CYS A 307 -29.37 13.01 -0.25
CA CYS A 307 -29.41 13.41 -1.65
C CYS A 307 -28.15 14.17 -2.01
N ALA A 308 -27.44 13.65 -3.03
CA ALA A 308 -26.20 14.25 -3.49
C ALA A 308 -26.29 14.64 -4.96
N GLU A 309 -25.57 15.70 -5.33
CA GLU A 309 -25.53 16.12 -6.71
C GLU A 309 -24.06 16.14 -7.13
N SER A 310 -23.76 15.68 -8.33
CA SER A 310 -22.37 15.68 -8.80
C SER A 310 -22.25 15.77 -10.31
N THR A 311 -21.03 16.09 -10.76
CA THR A 311 -20.65 16.13 -12.18
C THR A 311 -19.12 16.19 -12.24
N ASN A 312 -18.54 16.03 -13.43
CA ASN A 312 -17.09 16.10 -13.56
C ASN A 312 -16.68 17.48 -14.03
N PHE A 313 -15.39 17.79 -13.88
CA PHE A 313 -14.84 19.00 -14.44
C PHE A 313 -13.34 18.79 -14.67
N ALA A 314 -12.70 19.76 -15.31
CA ALA A 314 -11.28 19.62 -15.64
C ALA A 314 -10.54 20.91 -15.29
N THR A 315 -9.22 20.80 -15.14
CA THR A 315 -8.30 21.93 -15.13
C THR A 315 -7.22 21.61 -16.16
N ARG A 316 -6.26 22.52 -16.34
CA ARG A 316 -5.21 22.29 -17.34
C ARG A 316 -4.38 21.06 -16.99
N ARG A 317 -4.11 20.88 -15.70
CA ARG A 317 -3.37 19.72 -15.24
C ARG A 317 -4.10 18.41 -15.65
N TRP A 318 -5.42 18.43 -15.75
CA TRP A 318 -6.12 17.19 -16.11
C TRP A 318 -5.78 16.68 -17.51
N ILE A 319 -5.40 17.57 -18.41
CA ILE A 319 -5.24 17.19 -19.83
C ILE A 319 -4.34 15.99 -20.01
N GLU A 320 -3.19 16.03 -19.34
CA GLU A 320 -2.23 14.95 -19.44
C GLU A 320 -2.83 13.63 -18.88
N TYR A 321 -3.57 13.73 -17.78
CA TYR A 321 -4.23 12.53 -17.26
C TYR A 321 -5.19 11.98 -18.31
N GLY A 322 -5.93 12.89 -18.95
CA GLY A 322 -6.82 12.56 -20.04
C GLY A 322 -6.13 11.78 -21.14
N LYS A 323 -4.95 12.22 -21.55
CA LYS A 323 -4.23 11.58 -22.63
C LYS A 323 -3.77 10.18 -22.22
N GLN A 324 -3.55 9.99 -20.93
CA GLN A 324 -2.98 8.73 -20.46
C GLN A 324 -3.99 7.80 -19.76
N ALA A 325 -5.23 8.23 -19.63
CA ALA A 325 -6.21 7.42 -18.88
C ALA A 325 -6.30 6.01 -19.46
N VAL A 326 -6.12 5.00 -18.62
CA VAL A 326 -6.31 3.61 -19.06
C VAL A 326 -7.81 3.24 -19.01
N LEU A 327 -8.37 2.92 -20.18
CA LEU A 327 -9.81 2.88 -20.32
C LEU A 327 -10.34 1.46 -20.35
N CYS A 328 -11.59 1.29 -19.94
CA CYS A 328 -12.28 0.01 -20.01
C CYS A 328 -12.30 -0.53 -21.44
N SER A 329 -11.79 -1.74 -21.60
CA SER A 329 -11.58 -2.32 -22.93
C SER A 329 -12.63 -3.36 -23.37
N CYS A 330 -13.69 -3.55 -22.57
CA CYS A 330 -14.59 -4.68 -22.80
C CYS A 330 -16.07 -4.31 -22.91
N ARG A 331 -16.40 -3.04 -22.72
CA ARG A 331 -17.80 -2.62 -22.72
C ARG A 331 -18.02 -1.46 -23.67
N LYS A 332 -19.11 -1.54 -24.43
CA LYS A 332 -19.57 -0.39 -25.21
C LYS A 332 -20.37 0.52 -24.30
N ASP A 333 -20.48 1.79 -24.68
CA ASP A 333 -21.12 2.81 -23.83
C ASP A 333 -20.23 3.15 -22.63
N MET A 334 -18.95 2.82 -22.75
CA MET A 334 -17.95 3.28 -21.79
C MET A 334 -17.49 4.66 -22.21
N VAL A 335 -17.10 5.47 -21.23
CA VAL A 335 -16.87 6.88 -21.51
C VAL A 335 -15.48 7.18 -22.07
N LYS A 336 -15.47 7.72 -23.29
CA LYS A 336 -14.24 8.11 -23.95
C LYS A 336 -14.42 9.50 -24.54
N ILE A 337 -13.55 10.41 -24.12
CA ILE A 337 -13.56 11.78 -24.59
C ILE A 337 -12.35 11.96 -25.49
N SER A 338 -12.58 12.46 -26.71
CA SER A 338 -11.50 12.79 -27.63
C SER A 338 -10.62 13.90 -27.03
N MET A 339 -9.33 13.62 -26.86
CA MET A 339 -8.39 14.56 -26.26
C MET A 339 -7.82 15.56 -27.28
N ASP A 340 -8.11 15.35 -28.55
CA ASP A 340 -7.57 16.17 -29.64
CA ASP A 340 -7.55 16.17 -29.62
C ASP A 340 -7.69 17.67 -29.38
N VAL A 341 -8.91 18.14 -29.13
CA VAL A 341 -9.12 19.57 -28.98
C VAL A 341 -8.30 20.16 -27.82
N PHE A 342 -8.13 19.40 -26.75
CA PHE A 342 -7.38 19.90 -25.59
C PHE A 342 -5.89 20.00 -25.88
N VAL A 343 -5.37 19.02 -26.59
CA VAL A 343 -3.96 18.99 -26.93
C VAL A 343 -3.62 20.11 -27.92
N ARG A 344 -4.50 20.33 -28.90
CA ARG A 344 -4.29 21.40 -29.88
CA ARG A 344 -4.27 21.40 -29.87
C ARG A 344 -4.30 22.76 -29.19
N LYS A 345 -5.27 22.94 -28.30
CA LYS A 345 -5.46 24.23 -27.67
C LYS A 345 -4.42 24.52 -26.59
N PHE A 346 -4.10 23.53 -25.75
CA PHE A 346 -3.24 23.77 -24.58
C PHE A 346 -1.83 23.19 -24.66
N GLN A 347 -1.60 22.26 -25.58
CA GLN A 347 -0.26 21.71 -25.78
C GLN A 347 0.13 21.72 -27.27
N PRO A 348 0.01 22.89 -27.93
CA PRO A 348 0.23 22.94 -29.39
C PRO A 348 1.61 22.44 -29.80
N GLU A 349 2.61 22.61 -28.96
CA GLU A 349 3.96 22.16 -29.34
C GLU A 349 4.11 20.63 -29.25
N ARG A 350 3.17 19.96 -28.57
CA ARG A 350 3.27 18.51 -28.43
CA ARG A 350 3.23 18.51 -28.40
C ARG A 350 2.26 17.78 -29.32
N TYR A 351 1.43 18.55 -30.03
CA TYR A 351 0.36 17.95 -30.83
C TYR A 351 0.84 16.92 -31.84
N LYS A 352 1.77 17.31 -32.71
CA LYS A 352 2.29 16.40 -33.72
C LYS A 352 3.00 15.20 -33.10
N LEU A 353 3.81 15.44 -32.08
CA LEU A 353 4.48 14.35 -31.37
C LEU A 353 3.45 13.39 -30.78
N TRP A 354 2.37 13.95 -30.22
CA TRP A 354 1.34 13.16 -29.59
C TRP A 354 0.51 12.35 -30.61
N LYS A 355 0.16 12.97 -31.74
CA LYS A 355 -0.57 12.27 -32.80
C LYS A 355 0.25 11.12 -33.36
N ALA A 356 1.56 11.26 -33.31
CA ALA A 356 2.47 10.26 -33.84
C ALA A 356 2.82 9.22 -32.78
N GLY A 357 2.16 9.29 -31.62
CA GLY A 357 2.35 8.31 -30.57
C GLY A 357 3.71 8.33 -29.88
N LYS A 358 4.43 9.46 -29.97
CA LYS A 358 5.75 9.55 -29.34
C LYS A 358 5.78 10.48 -28.11
N ASP A 359 4.63 10.97 -27.68
CA ASP A 359 4.59 11.83 -26.49
C ASP A 359 4.79 10.97 -25.25
N ASN A 360 6.01 10.99 -24.72
CA ASN A 360 6.36 10.15 -23.57
C ASN A 360 6.32 10.89 -22.23
N THR A 361 5.58 11.99 -22.17
CA THR A 361 5.49 12.78 -20.95
C THR A 361 5.08 11.94 -19.74
N VAL A 362 5.74 12.20 -18.61
CA VAL A 362 5.46 11.46 -17.39
C VAL A 362 4.75 12.36 -16.38
N ILE A 363 3.66 11.85 -15.80
CA ILE A 363 2.88 12.63 -14.85
C ILE A 363 3.49 12.70 -13.45
N ASP A 364 3.66 13.92 -12.94
CA ASP A 364 4.01 14.12 -11.52
C ASP A 364 2.73 14.41 -10.70
N HIS A 365 2.22 13.38 -10.03
CA HIS A 365 0.98 13.52 -9.27
C HIS A 365 1.05 14.60 -8.17
N THR A 366 2.23 15.10 -7.83
CA THR A 366 2.30 16.08 -6.74
C THR A 366 2.11 17.52 -7.24
N LEU A 367 2.46 17.78 -8.49
CA LEU A 367 2.38 19.15 -9.02
C LEU A 367 0.93 19.64 -9.04
N PRO A 368 0.71 20.89 -8.57
CA PRO A 368 -0.58 21.58 -8.72
C PRO A 368 -0.81 22.05 -10.16
N THR A 369 -2.07 22.27 -10.53
CA THR A 369 -2.41 22.75 -11.87
C THR A 369 -1.76 24.14 -12.09
N PRO A 370 -1.32 24.42 -13.32
CA PRO A 370 -0.67 25.69 -13.72
C PRO A 370 -1.42 26.94 -13.25
N GLU A 371 -2.75 26.89 -13.25
CA GLU A 371 -3.58 28.03 -12.86
C GLU A 371 -3.29 28.53 -11.43
N ALA A 372 -2.59 27.71 -10.66
CA ALA A 372 -2.31 27.98 -9.26
C ALA A 372 -1.19 29.00 -9.09
N ALA A 373 -0.55 29.38 -10.20
CA ALA A 373 0.61 30.26 -10.17
C ALA A 373 0.42 31.47 -9.24
N GLU A 374 -0.65 32.23 -9.45
CA GLU A 374 -0.93 33.43 -8.69
CA GLU A 374 -0.94 33.43 -8.68
C GLU A 374 -0.83 33.20 -7.17
N PHE A 375 -1.09 31.96 -6.75
CA PHE A 375 -0.99 31.58 -5.34
C PHE A 375 0.40 31.02 -5.00
N SER B 27 -5.51 -23.69 4.10
CA SER B 27 -4.29 -22.91 4.29
C SER B 27 -3.85 -22.26 2.98
N GLU B 28 -3.99 -22.98 1.88
CA GLU B 28 -3.61 -22.50 0.55
C GLU B 28 -4.61 -21.48 -0.01
N THR B 29 -5.64 -21.17 0.77
CA THR B 29 -6.66 -20.20 0.38
C THR B 29 -6.47 -18.85 1.09
N LEU B 30 -5.57 -18.81 2.07
CA LEU B 30 -5.25 -17.59 2.80
C LEU B 30 -4.00 -16.91 2.24
N ASN B 31 -4.08 -15.61 1.99
CA ASN B 31 -3.03 -14.84 1.30
C ASN B 31 -2.56 -15.52 0.00
N PRO B 32 -3.52 -15.92 -0.85
CA PRO B 32 -3.20 -16.71 -2.05
C PRO B 32 -2.36 -15.92 -3.06
N SER B 33 -2.28 -14.61 -2.88
CA SER B 33 -1.44 -13.81 -3.75
C SER B 33 0.00 -13.84 -3.22
N ALA B 34 0.14 -14.38 -2.00
CA ALA B 34 1.43 -14.50 -1.32
C ALA B 34 2.10 -13.13 -1.22
N ARG B 35 1.29 -12.09 -1.04
CA ARG B 35 1.80 -10.72 -0.97
C ARG B 35 2.19 -10.40 0.47
N ILE B 36 3.22 -9.58 0.63
CA ILE B 36 3.63 -9.12 1.95
C ILE B 36 2.47 -8.45 2.71
N MET B 37 2.19 -8.93 3.91
CA MET B 37 1.10 -8.36 4.71
C MET B 37 1.65 -7.49 5.82
N THR B 38 0.85 -6.53 6.26
CA THR B 38 1.20 -5.68 7.39
C THR B 38 0.14 -5.84 8.48
N PHE B 39 0.58 -5.91 9.73
CA PHE B 39 -0.32 -6.12 10.86
C PHE B 39 -0.18 -5.02 11.90
N TYR B 40 -1.27 -4.74 12.62
CA TYR B 40 -1.29 -3.67 13.60
C TYR B 40 -1.78 -4.13 14.97
N PRO B 41 -0.95 -4.89 15.71
CA PRO B 41 -1.46 -5.46 16.97
C PRO B 41 -1.86 -4.40 17.98
N THR B 42 -2.90 -4.68 18.78
CA THR B 42 -3.17 -3.91 19.97
C THR B 42 -2.04 -4.23 20.94
N MET B 43 -2.00 -3.54 22.08
CA MET B 43 -0.96 -3.79 23.06
C MET B 43 -1.15 -5.16 23.74
N GLU B 44 -2.41 -5.58 23.86
CA GLU B 44 -2.74 -6.86 24.46
C GLU B 44 -2.25 -8.00 23.55
N GLU B 45 -2.36 -7.82 22.25
CA GLU B 45 -1.90 -8.85 21.32
C GLU B 45 -0.38 -8.83 21.24
N PHE B 46 0.18 -7.67 21.51
CA PHE B 46 1.62 -7.44 21.34
C PHE B 46 2.45 -8.01 22.50
N ARG B 47 1.81 -8.27 23.64
CA ARG B 47 2.56 -8.74 24.80
C ARG B 47 3.07 -10.15 24.59
N ASN B 48 2.28 -11.00 23.94
CA ASN B 48 2.75 -12.36 23.70
C ASN B 48 3.31 -12.54 22.27
N PHE B 49 4.64 -12.52 22.17
CA PHE B 49 5.35 -12.60 20.90
C PHE B 49 5.08 -13.90 20.11
N SER B 50 5.40 -15.05 20.71
CA SER B 50 5.21 -16.31 20.01
C SER B 50 3.75 -16.50 19.57
N ARG B 51 2.81 -16.08 20.42
CA ARG B 51 1.39 -16.17 20.09
C ARG B 51 1.01 -15.24 18.92
N TYR B 52 1.63 -14.06 18.86
CA TYR B 52 1.34 -13.18 17.75
C TYR B 52 1.91 -13.70 16.42
N ILE B 53 3.12 -14.27 16.44
CA ILE B 53 3.62 -14.95 15.24
C ILE B 53 2.63 -16.03 14.80
N ALA B 54 2.17 -16.86 15.74
CA ALA B 54 1.15 -17.85 15.41
C ALA B 54 -0.04 -17.17 14.71
N TYR B 55 -0.48 -16.03 15.22
CA TYR B 55 -1.64 -15.38 14.61
C TYR B 55 -1.38 -14.89 13.18
N ILE B 56 -0.27 -14.20 12.96
CA ILE B 56 -0.04 -13.67 11.61
C ILE B 56 0.10 -14.83 10.62
N GLU B 57 0.65 -15.94 11.08
CA GLU B 57 0.70 -17.12 10.23
C GLU B 57 -0.72 -17.64 9.91
N SER B 58 -1.60 -17.64 10.91
CA SER B 58 -2.97 -18.10 10.69
C SER B 58 -3.71 -17.23 9.67
N GLN B 59 -3.16 -16.04 9.40
CA GLN B 59 -3.68 -15.14 8.38
C GLN B 59 -2.88 -15.28 7.06
N GLY B 60 -1.89 -16.16 7.05
CA GLY B 60 -1.16 -16.45 5.83
C GLY B 60 0.07 -15.60 5.57
N ALA B 61 0.48 -14.79 6.56
CA ALA B 61 1.62 -13.90 6.36
C ALA B 61 2.86 -14.63 5.88
N HIS B 62 3.06 -15.85 6.36
CA HIS B 62 4.31 -16.57 6.10
C HIS B 62 4.51 -16.87 4.63
N ARG B 63 3.41 -16.91 3.89
CA ARG B 63 3.48 -17.30 2.49
C ARG B 63 4.36 -16.38 1.66
N ALA B 64 4.45 -15.12 2.05
CA ALA B 64 5.23 -14.16 1.27
C ALA B 64 6.72 -14.23 1.61
N GLY B 65 7.06 -14.95 2.68
CA GLY B 65 8.42 -15.06 3.20
C GLY B 65 8.85 -13.90 4.09
N LEU B 66 8.01 -12.87 4.18
CA LEU B 66 8.32 -11.60 4.85
C LEU B 66 7.02 -10.89 5.26
N ALA B 67 6.96 -10.33 6.47
CA ALA B 67 5.77 -9.58 6.89
C ALA B 67 6.18 -8.38 7.74
N LYS B 68 5.36 -7.33 7.73
CA LYS B 68 5.61 -6.19 8.58
C LYS B 68 4.63 -6.14 9.75
N VAL B 69 5.15 -5.78 10.93
CA VAL B 69 4.35 -5.63 12.13
C VAL B 69 4.62 -4.25 12.73
N VAL B 70 3.57 -3.44 12.78
CA VAL B 70 3.65 -2.07 13.28
C VAL B 70 3.21 -2.08 14.73
N PRO B 71 4.13 -1.74 15.65
CA PRO B 71 3.81 -1.84 17.08
C PRO B 71 2.82 -0.76 17.48
N PRO B 72 2.09 -0.99 18.59
CA PRO B 72 1.16 0.00 19.13
C PRO B 72 1.85 1.33 19.41
N LYS B 73 1.15 2.43 19.15
CA LYS B 73 1.72 3.76 19.25
C LYS B 73 2.39 4.04 20.60
N GLU B 74 1.84 3.48 21.67
CA GLU B 74 2.33 3.77 23.01
C GLU B 74 3.59 2.98 23.37
N TRP B 75 4.00 2.06 22.49
CA TRP B 75 5.16 1.22 22.74
C TRP B 75 6.44 1.87 22.21
N LYS B 76 7.50 1.82 23.01
CA LYS B 76 8.81 2.31 22.60
C LYS B 76 9.87 1.51 23.33
N PRO B 77 10.87 1.00 22.60
CA PRO B 77 11.86 0.12 23.22
C PRO B 77 12.95 0.89 23.97
N ARG B 78 12.94 2.22 23.85
CA ARG B 78 13.97 3.05 24.42
C ARG B 78 13.49 4.50 24.45
N ALA B 79 13.68 5.16 25.58
CA ALA B 79 13.20 6.54 25.71
C ALA B 79 13.90 7.48 24.72
N SER B 80 15.19 7.28 24.47
CA SER B 80 15.95 8.22 23.66
C SER B 80 17.17 7.57 23.02
N TYR B 81 17.48 7.96 21.79
CA TYR B 81 18.66 7.41 21.12
C TYR B 81 19.79 8.41 21.08
N ASP B 82 19.77 9.39 21.97
CA ASP B 82 20.75 10.45 21.91
C ASP B 82 22.03 10.14 22.71
N ASP B 83 21.99 9.04 23.46
CA ASP B 83 23.12 8.65 24.32
C ASP B 83 24.00 7.51 23.75
N ILE B 84 24.07 7.39 22.43
CA ILE B 84 24.85 6.29 21.85
C ILE B 84 25.96 6.70 20.89
N ASP B 85 26.31 7.98 20.86
CA ASP B 85 27.35 8.44 19.94
C ASP B 85 28.73 7.85 20.22
N ASP B 86 28.91 7.28 21.40
CA ASP B 86 30.19 6.67 21.76
C ASP B 86 30.21 5.17 21.48
N LEU B 87 29.04 4.62 21.14
CA LEU B 87 28.96 3.23 20.72
C LEU B 87 29.99 2.94 19.61
N VAL B 88 30.80 1.91 19.82
CA VAL B 88 31.84 1.53 18.87
C VAL B 88 31.30 0.54 17.84
N ILE B 89 31.50 0.83 16.56
CA ILE B 89 31.32 -0.17 15.51
C ILE B 89 32.68 -0.77 15.19
N PRO B 90 32.94 -1.99 15.68
CA PRO B 90 34.28 -2.60 15.67
C PRO B 90 34.76 -2.93 14.25
N ALA B 91 33.85 -3.33 13.37
CA ALA B 91 34.24 -3.85 12.06
C ALA B 91 33.35 -3.36 10.92
N PRO B 92 33.32 -2.04 10.68
CA PRO B 92 32.57 -1.51 9.54
C PRO B 92 33.08 -2.16 8.25
N ILE B 93 32.21 -2.32 7.25
CA ILE B 93 32.62 -2.95 5.99
C ILE B 93 32.29 -2.03 4.81
N GLN B 94 33.25 -1.86 3.91
CA GLN B 94 33.00 -1.11 2.70
C GLN B 94 32.49 -2.09 1.69
N GLN B 95 31.38 -1.75 1.05
CA GLN B 95 30.72 -2.68 0.13
C GLN B 95 31.05 -2.40 -1.34
N LEU B 96 31.96 -3.19 -1.90
CA LEU B 96 32.29 -3.07 -3.31
C LEU B 96 31.46 -4.02 -4.15
N VAL B 97 30.97 -3.53 -5.28
CA VAL B 97 30.04 -4.33 -6.06
C VAL B 97 30.44 -4.33 -7.52
N THR B 98 30.51 -5.53 -8.08
CA THR B 98 30.86 -5.68 -9.48
C THR B 98 29.78 -6.46 -10.17
N GLY B 99 29.44 -6.05 -11.39
CA GLY B 99 28.42 -6.77 -12.16
C GLY B 99 27.72 -5.90 -13.19
N GLN B 100 26.69 -6.47 -13.82
CA GLN B 100 26.01 -5.79 -14.91
C GLN B 100 24.71 -6.53 -15.26
N SER B 101 23.85 -5.90 -16.04
CA SER B 101 22.59 -6.49 -16.46
C SER B 101 21.77 -7.07 -15.31
N GLY B 102 21.78 -6.40 -14.17
CA GLY B 102 21.00 -6.83 -13.01
C GLY B 102 21.62 -7.91 -12.12
N LEU B 103 22.82 -8.38 -12.44
CA LEU B 103 23.43 -9.43 -11.64
C LEU B 103 24.74 -8.93 -11.10
N PHE B 104 24.93 -9.03 -9.79
CA PHE B 104 26.07 -8.41 -9.14
C PHE B 104 26.61 -9.29 -8.03
N THR B 105 27.91 -9.15 -7.78
CA THR B 105 28.53 -9.81 -6.64
C THR B 105 29.10 -8.74 -5.74
N GLN B 106 28.86 -8.87 -4.45
CA GLN B 106 29.30 -7.90 -3.46
C GLN B 106 30.51 -8.38 -2.65
N TYR B 107 31.55 -7.55 -2.56
CA TYR B 107 32.77 -7.88 -1.82
C TYR B 107 32.90 -6.95 -0.62
N ASN B 108 33.10 -7.51 0.57
CA ASN B 108 33.24 -6.71 1.77
C ASN B 108 34.70 -6.45 2.09
N ILE B 109 35.03 -5.21 2.37
CA ILE B 109 36.37 -4.86 2.83
C ILE B 109 36.26 -4.30 4.22
N GLN B 110 36.88 -4.93 5.19
CA GLN B 110 36.75 -4.48 6.57
C GLN B 110 37.56 -3.18 6.74
N LYS B 111 37.00 -2.23 7.48
CA LYS B 111 37.72 -0.99 7.75
C LYS B 111 37.95 -0.86 9.24
N LYS B 112 38.68 0.18 9.62
CA LYS B 112 39.02 0.39 11.01
C LYS B 112 37.77 0.69 11.81
N ALA B 113 37.81 0.32 13.08
CA ALA B 113 36.73 0.64 14.01
C ALA B 113 36.37 2.12 13.96
N MET B 114 35.11 2.42 14.28
CA MET B 114 34.70 3.80 14.45
C MET B 114 33.49 3.87 15.36
N THR B 115 33.18 5.08 15.83
CA THR B 115 32.02 5.26 16.69
C THR B 115 30.80 5.62 15.85
N VAL B 116 29.61 5.45 16.44
CA VAL B 116 28.40 5.86 15.77
C VAL B 116 28.56 7.30 15.29
N ARG B 117 29.11 8.14 16.17
CA ARG B 117 29.30 9.54 15.84
C ARG B 117 30.00 9.70 14.50
N GLU B 118 31.16 9.07 14.36
CA GLU B 118 31.95 9.19 13.14
C GLU B 118 31.22 8.62 11.93
N PHE B 119 30.49 7.51 12.13
CA PHE B 119 29.78 6.85 11.03
C PHE B 119 28.67 7.74 10.52
N ARG B 120 27.86 8.26 11.46
CA ARG B 120 26.79 9.19 11.12
C ARG B 120 27.30 10.37 10.31
N LYS B 121 28.44 10.93 10.71
CA LYS B 121 29.00 12.10 10.01
C LYS B 121 29.35 11.76 8.56
N ILE B 122 29.95 10.60 8.35
CA ILE B 122 30.23 10.13 7.00
C ILE B 122 28.95 9.79 6.23
N ALA B 123 27.99 9.17 6.91
CA ALA B 123 26.73 8.78 6.26
C ALA B 123 26.00 10.01 5.73
N ASN B 124 25.97 11.07 6.53
CA ASN B 124 25.25 12.27 6.14
C ASN B 124 26.09 13.26 5.33
N SER B 125 27.39 12.99 5.18
CA SER B 125 28.25 13.86 4.36
C SER B 125 27.73 13.89 2.94
N ASP B 126 28.17 14.85 2.14
CA ASP B 126 27.66 15.03 0.78
C ASP B 126 28.10 13.89 -0.13
N LYS B 127 29.20 13.26 0.25
CA LYS B 127 29.77 12.17 -0.52
C LYS B 127 28.87 10.91 -0.46
N TYR B 128 28.17 10.73 0.66
CA TYR B 128 27.49 9.46 0.94
C TYR B 128 26.01 9.61 1.27
N CYS B 129 25.51 10.83 1.32
CA CYS B 129 24.14 11.02 1.74
C CYS B 129 23.14 10.54 0.67
N THR B 130 21.91 10.33 1.08
CA THR B 130 20.82 9.96 0.17
C THR B 130 20.70 11.02 -0.90
N PRO B 131 20.51 10.61 -2.16
CA PRO B 131 20.27 11.54 -3.27
C PRO B 131 18.85 12.14 -3.23
N ARG B 132 18.65 13.25 -3.95
CA ARG B 132 17.32 13.85 -4.05
C ARG B 132 16.41 12.94 -4.85
N TYR B 133 15.17 12.80 -4.38
CA TYR B 133 14.20 11.97 -5.08
C TYR B 133 12.79 12.37 -4.67
N SER B 134 11.81 12.01 -5.49
CA SER B 134 10.41 12.37 -5.23
C SER B 134 9.58 11.19 -4.70
N GLU B 135 9.81 10.00 -5.23
CA GLU B 135 9.02 8.81 -4.91
C GLU B 135 9.96 7.61 -4.72
N PHE B 136 9.50 6.59 -3.98
CA PHE B 136 10.36 5.43 -3.75
C PHE B 136 10.86 4.80 -5.03
N GLU B 137 10.00 4.75 -6.06
CA GLU B 137 10.41 4.17 -7.33
C GLU B 137 11.64 4.88 -7.90
N GLU B 138 11.70 6.20 -7.70
CA GLU B 138 12.83 6.94 -8.22
C GLU B 138 14.07 6.48 -7.46
N LEU B 139 14.00 6.50 -6.13
CA LEU B 139 15.15 6.08 -5.33
C LEU B 139 15.58 4.65 -5.65
N GLU B 140 14.59 3.76 -5.77
CA GLU B 140 14.87 2.37 -6.15
C GLU B 140 15.64 2.33 -7.48
N ARG B 141 15.23 3.12 -8.45
CA ARG B 141 15.97 3.22 -9.72
C ARG B 141 17.40 3.70 -9.50
N LYS B 142 17.59 4.70 -8.65
CA LYS B 142 18.92 5.24 -8.41
C LYS B 142 19.81 4.20 -7.74
N TYR B 143 19.22 3.37 -6.87
CA TYR B 143 19.99 2.28 -6.26
C TYR B 143 20.54 1.29 -7.29
N TRP B 144 19.67 0.77 -8.15
CA TRP B 144 20.07 -0.27 -9.10
C TRP B 144 20.97 0.26 -10.20
N LYS B 145 20.88 1.57 -10.43
CA LYS B 145 21.76 2.20 -11.40
C LYS B 145 23.15 2.52 -10.82
N ASN B 146 23.22 2.85 -9.53
CA ASN B 146 24.46 3.33 -8.93
C ASN B 146 25.12 2.37 -7.93
N LEU B 147 24.54 1.17 -7.83
CA LEU B 147 24.99 0.11 -6.92
CA LEU B 147 25.02 0.25 -6.81
C LEU B 147 26.50 -0.12 -6.95
N THR B 148 27.05 -0.05 -8.16
CA THR B 148 28.48 -0.36 -8.35
C THR B 148 29.41 0.83 -8.21
N PHE B 149 28.88 2.03 -7.98
CA PHE B 149 29.73 3.23 -7.86
C PHE B 149 29.82 3.72 -6.42
N ASN B 150 30.85 4.52 -6.14
CA ASN B 150 31.00 5.14 -4.81
CA ASN B 150 31.03 5.12 -4.81
C ASN B 150 30.63 4.18 -3.68
N PRO B 151 31.43 3.13 -3.46
CA PRO B 151 31.13 2.10 -2.46
C PRO B 151 30.90 2.67 -1.05
N PRO B 152 29.76 2.31 -0.45
CA PRO B 152 29.41 2.84 0.89
C PRO B 152 30.01 1.99 2.00
N ILE B 153 29.81 2.46 3.24
CA ILE B 153 30.31 1.75 4.40
C ILE B 153 29.10 1.31 5.20
N TYR B 154 29.09 0.05 5.63
CA TYR B 154 27.97 -0.50 6.38
C TYR B 154 28.47 -0.85 7.76
N GLY B 155 27.90 -0.25 8.80
CA GLY B 155 28.30 -0.56 10.17
C GLY B 155 27.52 -1.78 10.66
N ALA B 156 27.91 -2.94 10.16
CA ALA B 156 27.10 -4.16 10.31
C ALA B 156 27.63 -5.11 11.38
N ASP B 157 26.76 -6.03 11.79
CA ASP B 157 27.14 -7.11 12.70
C ASP B 157 27.76 -6.62 14.02
N VAL B 158 27.24 -5.53 14.58
CA VAL B 158 27.66 -5.09 15.90
C VAL B 158 26.89 -5.84 16.95
N ASN B 159 27.59 -6.61 17.78
CA ASN B 159 26.96 -7.24 18.93
C ASN B 159 26.41 -6.19 19.86
N GLY B 160 25.15 -6.34 20.25
CA GLY B 160 24.54 -5.42 21.18
C GLY B 160 23.05 -5.28 20.98
N THR B 161 22.43 -4.49 21.85
CA THR B 161 21.01 -4.22 21.79
C THR B 161 20.83 -2.77 22.17
N LEU B 162 19.81 -2.12 21.60
CA LEU B 162 19.44 -0.78 22.03
C LEU B 162 18.15 -0.77 22.85
N TYR B 163 17.69 -1.93 23.27
CA TYR B 163 16.50 -2.01 24.11
C TYR B 163 16.81 -1.63 25.56
N GLU B 164 15.88 -0.95 26.20
CA GLU B 164 16.00 -0.68 27.63
C GLU B 164 15.76 -2.00 28.39
N LYS B 165 16.42 -2.16 29.54
CA LYS B 165 16.44 -3.43 30.24
C LYS B 165 15.06 -3.97 30.59
N HIS B 166 14.09 -3.08 30.79
CA HIS B 166 12.81 -3.51 31.34
C HIS B 166 11.68 -3.56 30.32
N VAL B 167 12.01 -3.45 29.04
CA VAL B 167 11.05 -3.61 27.98
C VAL B 167 10.78 -5.10 27.79
N ASP B 168 9.55 -5.55 28.08
CA ASP B 168 9.27 -6.98 28.06
C ASP B 168 8.57 -7.48 26.80
N GLU B 169 8.13 -6.54 25.96
CA GLU B 169 7.39 -6.88 24.74
C GLU B 169 8.31 -6.84 23.51
N TRP B 170 8.39 -7.95 22.80
CA TRP B 170 9.14 -7.99 21.55
C TRP B 170 10.61 -7.62 21.72
N ASN B 171 11.19 -8.07 22.83
CA ASN B 171 12.57 -7.74 23.15
C ASN B 171 13.54 -8.67 22.41
N ILE B 172 14.22 -8.12 21.43
CA ILE B 172 15.11 -8.88 20.55
C ILE B 172 16.21 -9.65 21.28
N GLY B 173 16.57 -9.19 22.48
CA GLY B 173 17.59 -9.86 23.29
C GLY B 173 17.07 -11.09 24.02
N ARG B 174 15.76 -11.15 24.23
CA ARG B 174 15.17 -12.27 24.96
C ARG B 174 13.74 -12.57 24.49
N LEU B 175 13.59 -13.10 23.27
CA LEU B 175 12.27 -13.39 22.74
C LEU B 175 11.67 -14.63 23.39
N ARG B 176 12.53 -15.47 23.94
CA ARG B 176 12.12 -16.70 24.60
C ARG B 176 11.29 -17.63 23.71
N THR B 177 11.74 -17.85 22.48
CA THR B 177 11.16 -18.90 21.65
C THR B 177 11.95 -20.18 21.89
N ILE B 178 11.55 -21.25 21.20
CA ILE B 178 12.21 -22.54 21.37
C ILE B 178 13.63 -22.57 20.81
N LEU B 179 14.04 -21.52 20.11
CA LEU B 179 15.42 -21.47 19.63
C LEU B 179 16.39 -21.42 20.81
N ASP B 180 15.89 -20.95 21.95
CA ASP B 180 16.69 -20.93 23.18
C ASP B 180 17.22 -22.30 23.60
N LEU B 181 16.62 -23.37 23.10
CA LEU B 181 17.09 -24.72 23.43
C LEU B 181 18.54 -24.94 23.00
N VAL B 182 18.99 -24.14 22.04
CA VAL B 182 20.38 -24.22 21.62
C VAL B 182 21.31 -23.79 22.74
N GLU B 183 20.92 -22.75 23.46
CA GLU B 183 21.73 -22.23 24.55
C GLU B 183 21.49 -22.98 25.86
N LYS B 184 20.21 -23.23 26.17
CA LYS B 184 19.81 -23.86 27.43
C LYS B 184 20.21 -25.33 27.55
N GLU B 185 20.44 -25.99 26.41
CA GLU B 185 20.78 -27.41 26.42
C GLU B 185 22.25 -27.70 26.09
N SER B 186 22.86 -26.86 25.26
CA SER B 186 24.25 -27.09 24.88
C SER B 186 25.18 -25.91 25.20
N GLY B 187 24.68 -24.94 25.96
CA GLY B 187 25.47 -23.79 26.35
C GLY B 187 26.13 -23.13 25.15
N ILE B 188 25.46 -23.20 24.00
CA ILE B 188 25.99 -22.66 22.75
C ILE B 188 25.33 -21.34 22.38
N THR B 189 26.14 -20.27 22.36
CA THR B 189 25.66 -18.98 21.88
C THR B 189 26.26 -18.67 20.52
N ILE B 190 25.42 -18.21 19.61
CA ILE B 190 25.87 -17.89 18.26
C ILE B 190 25.57 -16.42 17.95
N GLU B 191 26.62 -15.61 17.98
CA GLU B 191 26.52 -14.18 17.72
C GLU B 191 25.60 -13.85 16.54
N GLY B 192 24.58 -13.03 16.80
CA GLY B 192 23.62 -12.64 15.79
C GLY B 192 22.48 -13.63 15.55
N VAL B 193 22.64 -14.87 16.02
CA VAL B 193 21.63 -15.93 15.81
C VAL B 193 20.72 -16.08 17.02
N ASN B 194 21.31 -16.35 18.19
CA ASN B 194 20.57 -16.28 19.44
CA ASN B 194 20.61 -16.31 19.47
C ASN B 194 20.97 -15.05 20.26
N THR B 195 21.73 -14.16 19.64
CA THR B 195 22.06 -12.87 20.26
C THR B 195 21.78 -11.72 19.28
N PRO B 196 21.56 -10.52 19.81
CA PRO B 196 21.16 -9.41 18.93
C PRO B 196 22.35 -8.72 18.26
N TYR B 197 22.10 -8.27 17.04
CA TYR B 197 23.07 -7.56 16.22
C TYR B 197 22.47 -6.19 15.92
N LEU B 198 23.33 -5.18 15.87
CA LEU B 198 22.92 -3.87 15.39
C LEU B 198 23.50 -3.65 14.00
N TYR B 199 22.73 -2.95 13.16
CA TYR B 199 23.15 -2.59 11.82
C TYR B 199 22.99 -1.08 11.65
N PHE B 200 24.10 -0.37 11.51
CA PHE B 200 24.08 1.06 11.19
C PHE B 200 24.29 1.24 9.68
N GLY B 201 23.26 1.69 8.98
CA GLY B 201 23.33 1.79 7.54
C GLY B 201 23.54 3.21 7.03
N MET B 202 23.87 3.30 5.75
CA MET B 202 23.87 4.58 5.08
C MET B 202 23.32 4.32 3.68
N TRP B 203 23.13 5.38 2.92
CA TRP B 203 22.55 5.27 1.59
C TRP B 203 23.28 4.22 0.77
N LYS B 204 22.50 3.29 0.20
CA LYS B 204 23.01 2.34 -0.78
C LYS B 204 23.74 1.11 -0.16
N THR B 205 23.85 1.03 1.16
CA THR B 205 24.31 -0.20 1.78
C THR B 205 23.26 -1.30 1.59
N SER B 206 23.71 -2.50 1.25
CA SER B 206 22.75 -3.56 0.98
C SER B 206 22.97 -4.87 1.70
N PHE B 207 21.90 -5.67 1.68
CA PHE B 207 21.96 -7.06 2.10
C PHE B 207 21.52 -7.95 0.94
N ALA B 208 22.35 -8.93 0.64
CA ALA B 208 22.21 -9.78 -0.52
C ALA B 208 21.12 -10.83 -0.33
N TRP B 209 20.77 -11.50 -1.42
CA TRP B 209 19.74 -12.52 -1.40
C TRP B 209 20.15 -13.72 -0.57
N HIS B 210 19.31 -14.11 0.38
CA HIS B 210 19.58 -15.31 1.16
C HIS B 210 18.38 -15.63 2.02
N THR B 211 18.33 -16.86 2.52
CA THR B 211 17.47 -17.20 3.64
C THR B 211 18.33 -17.20 4.92
N GLU B 212 17.68 -17.17 6.09
CA GLU B 212 18.43 -17.18 7.34
C GLU B 212 19.23 -18.46 7.54
N ASP B 213 20.27 -18.42 8.36
CA ASP B 213 20.98 -19.64 8.71
C ASP B 213 20.00 -20.70 9.23
N MET B 214 20.20 -21.96 8.83
CA MET B 214 19.33 -23.05 9.27
C MET B 214 17.88 -22.80 8.88
N ASP B 215 17.67 -21.89 7.94
CA ASP B 215 16.35 -21.45 7.50
C ASP B 215 15.44 -21.02 8.65
N LEU B 216 16.03 -20.36 9.64
CA LEU B 216 15.30 -19.85 10.79
C LEU B 216 14.42 -18.65 10.40
N TYR B 217 13.57 -18.25 11.34
CA TYR B 217 12.93 -16.93 11.26
C TYR B 217 13.92 -15.85 11.64
N SER B 218 13.61 -14.63 11.24
CA SER B 218 14.34 -13.47 11.67
C SER B 218 13.36 -12.38 12.11
N ILE B 219 13.77 -11.57 13.07
CA ILE B 219 13.04 -10.36 13.45
C ILE B 219 13.97 -9.15 13.25
N ASN B 220 13.45 -8.09 12.66
CA ASN B 220 14.25 -6.90 12.40
C ASN B 220 13.44 -5.69 12.84
N TYR B 221 14.01 -4.90 13.75
CA TYR B 221 13.38 -3.65 14.19
C TYR B 221 14.20 -2.46 13.71
N LEU B 222 13.56 -1.50 13.06
CA LEU B 222 14.24 -0.28 12.65
C LEU B 222 14.20 0.78 13.77
N HIS B 223 15.27 0.88 14.57
CA HIS B 223 15.26 1.80 15.72
C HIS B 223 15.02 3.26 15.34
N PHE B 224 15.76 3.79 14.37
CA PHE B 224 15.59 5.16 13.95
C PHE B 224 16.20 5.39 12.58
N GLY B 225 15.90 6.55 11.99
CA GLY B 225 16.58 7.00 10.78
C GLY B 225 15.80 6.72 9.52
N GLU B 226 16.50 6.81 8.39
CA GLU B 226 15.95 6.61 7.05
C GLU B 226 15.48 5.15 6.80
N PRO B 227 14.60 4.96 5.82
CA PRO B 227 13.98 3.64 5.65
C PRO B 227 14.93 2.52 5.21
N LYS B 228 14.43 1.30 5.30
CA LYS B 228 15.12 0.13 4.75
C LYS B 228 14.12 -0.57 3.82
N SER B 229 14.48 -0.78 2.56
CA SER B 229 13.57 -1.45 1.63
C SER B 229 13.96 -2.92 1.42
N TRP B 230 12.93 -3.76 1.28
CA TRP B 230 13.07 -5.22 1.25
C TRP B 230 12.51 -5.79 -0.05
N TYR B 231 13.17 -6.81 -0.57
CA TYR B 231 12.57 -7.68 -1.59
C TYR B 231 12.39 -9.07 -1.00
N SER B 232 11.37 -9.79 -1.45
CA SER B 232 11.14 -11.11 -0.89
C SER B 232 10.53 -12.07 -1.89
N VAL B 233 10.98 -13.32 -1.85
CA VAL B 233 10.42 -14.39 -2.70
C VAL B 233 9.68 -15.41 -1.84
N PRO B 234 8.43 -15.67 -2.19
CA PRO B 234 7.65 -16.65 -1.42
C PRO B 234 8.40 -17.96 -1.26
N PRO B 235 8.41 -18.48 -0.04
CA PRO B 235 9.08 -19.76 0.23
C PRO B 235 8.62 -20.86 -0.71
N GLU B 236 7.35 -20.87 -1.13
CA GLU B 236 6.89 -21.92 -2.03
C GLU B 236 7.51 -21.80 -3.43
N HIS B 237 8.20 -20.69 -3.69
CA HIS B 237 8.86 -20.48 -4.97
C HIS B 237 10.34 -20.22 -4.84
N GLY B 238 10.88 -20.54 -3.66
CA GLY B 238 12.27 -20.33 -3.34
C GLY B 238 13.21 -21.14 -4.22
N LYS B 239 12.80 -22.35 -4.57
CA LYS B 239 13.62 -23.22 -5.42
C LYS B 239 13.85 -22.61 -6.80
N ARG B 240 12.91 -21.81 -7.29
CA ARG B 240 13.06 -21.14 -8.58
C ARG B 240 14.13 -20.08 -8.52
N LEU B 241 14.22 -19.37 -7.40
CA LEU B 241 15.28 -18.40 -7.25
C LEU B 241 16.63 -19.12 -7.28
N GLU B 242 16.71 -20.24 -6.59
CA GLU B 242 17.97 -21.00 -6.52
C GLU B 242 18.42 -21.49 -7.89
N ARG B 243 17.48 -22.00 -8.67
CA ARG B 243 17.80 -22.44 -10.02
C ARG B 243 18.27 -21.28 -10.88
N LEU B 244 17.62 -20.12 -10.75
CA LEU B 244 18.04 -18.94 -11.50
C LEU B 244 19.49 -18.61 -11.14
N ALA B 245 19.77 -18.53 -9.84
CA ALA B 245 21.09 -18.17 -9.36
C ALA B 245 22.18 -19.15 -9.81
N LYS B 246 21.92 -20.45 -9.66
CA LYS B 246 22.83 -21.48 -10.15
C LYS B 246 23.12 -21.26 -11.63
N GLY B 247 22.08 -20.96 -12.40
CA GLY B 247 22.24 -20.71 -13.82
C GLY B 247 23.20 -19.57 -14.12
N PHE B 248 23.14 -18.54 -13.28
CA PHE B 248 23.93 -17.32 -13.50
C PHE B 248 25.31 -17.31 -12.86
N PHE B 249 25.48 -18.09 -11.80
CA PHE B 249 26.78 -18.19 -11.15
C PHE B 249 27.17 -19.65 -11.04
N PRO B 250 27.31 -20.33 -12.19
CA PRO B 250 27.53 -21.78 -12.20
C PRO B 250 28.89 -22.14 -11.60
N GLY B 251 29.83 -21.21 -11.64
CA GLY B 251 31.14 -21.40 -11.02
C GLY B 251 31.04 -21.41 -9.51
N SER B 252 30.22 -20.49 -8.98
CA SER B 252 29.97 -20.43 -7.54
C SER B 252 29.15 -21.63 -7.04
N ALA B 253 28.12 -21.98 -7.81
CA ALA B 253 27.28 -23.14 -7.50
C ALA B 253 28.07 -24.45 -7.56
N GLN B 254 29.14 -24.46 -8.35
CA GLN B 254 29.97 -25.66 -8.49
C GLN B 254 30.92 -25.83 -7.32
N SER B 255 31.32 -24.72 -6.72
CA SER B 255 32.23 -24.78 -5.57
C SER B 255 31.48 -24.84 -4.24
N CYS B 256 30.17 -24.57 -4.27
CA CYS B 256 29.36 -24.64 -3.06
C CYS B 256 27.86 -24.82 -3.34
N GLU B 257 27.26 -25.77 -2.64
CA GLU B 257 25.83 -26.07 -2.77
C GLU B 257 24.96 -24.85 -2.43
N ALA B 258 25.16 -24.29 -1.24
CA ALA B 258 24.40 -23.13 -0.80
C ALA B 258 25.20 -21.81 -0.89
N PHE B 259 25.70 -21.49 -2.07
CA PHE B 259 26.55 -20.31 -2.23
C PHE B 259 25.84 -18.99 -1.88
N LEU B 260 24.51 -18.96 -1.98
CA LEU B 260 23.76 -17.75 -1.63
C LEU B 260 23.89 -17.42 -0.13
N ARG B 261 24.27 -18.42 0.68
CA ARG B 261 24.51 -18.17 2.11
C ARG B 261 25.80 -17.34 2.32
N HIS B 262 26.65 -17.22 1.30
CA HIS B 262 27.77 -16.29 1.37
C HIS B 262 27.24 -14.87 1.51
N LYS B 263 26.00 -14.67 1.09
CA LYS B 263 25.37 -13.33 1.13
C LYS B 263 26.17 -12.31 0.34
N MET B 264 26.53 -12.68 -0.89
CA MET B 264 27.29 -11.83 -1.79
C MET B 264 26.56 -11.57 -3.12
N THR B 265 25.39 -12.18 -3.30
CA THR B 265 24.72 -12.12 -4.59
C THR B 265 23.58 -11.12 -4.61
N LEU B 266 23.66 -10.14 -5.52
CA LEU B 266 22.64 -9.12 -5.70
C LEU B 266 21.97 -9.31 -7.04
N ILE B 267 20.65 -9.23 -7.03
CA ILE B 267 19.85 -9.52 -8.21
C ILE B 267 18.72 -8.52 -8.25
N SER B 268 18.61 -7.79 -9.34
CA SER B 268 17.64 -6.71 -9.44
C SER B 268 16.25 -7.24 -9.75
N PRO B 269 15.23 -6.48 -9.35
CA PRO B 269 13.82 -6.86 -9.57
C PRO B 269 13.49 -6.98 -11.07
N LEU B 270 14.13 -6.19 -11.92
CA LEU B 270 13.93 -6.29 -13.37
CA LEU B 270 13.88 -6.30 -13.35
C LEU B 270 14.33 -7.69 -13.82
N MET B 271 15.43 -8.19 -13.25
CA MET B 271 15.93 -9.50 -13.59
C MET B 271 15.01 -10.60 -13.03
N LEU B 272 14.56 -10.48 -11.79
CA LEU B 272 13.60 -11.46 -11.25
C LEU B 272 12.34 -11.54 -12.10
N LYS B 273 11.89 -10.38 -12.57
CA LYS B 273 10.69 -10.28 -13.38
C LYS B 273 10.91 -10.96 -14.75
N LYS B 274 12.03 -10.66 -15.38
CA LYS B 274 12.39 -11.24 -16.67
C LYS B 274 12.39 -12.77 -16.63
N TYR B 275 12.83 -13.33 -15.51
CA TYR B 275 12.92 -14.79 -15.40
C TYR B 275 11.70 -15.43 -14.77
N GLY B 276 10.64 -14.65 -14.61
CA GLY B 276 9.39 -15.15 -14.08
C GLY B 276 9.46 -15.57 -12.61
N ILE B 277 10.44 -15.03 -11.86
CA ILE B 277 10.51 -15.29 -10.42
C ILE B 277 9.56 -14.38 -9.65
N PRO B 278 8.57 -14.98 -8.96
CA PRO B 278 7.60 -14.17 -8.19
C PRO B 278 8.26 -13.52 -6.99
N PHE B 279 7.91 -12.27 -6.71
CA PHE B 279 8.46 -11.57 -5.56
C PHE B 279 7.61 -10.37 -5.19
N ASP B 280 7.81 -9.82 -4.01
CA ASP B 280 7.11 -8.62 -3.59
C ASP B 280 8.16 -7.65 -3.03
N LYS B 281 7.80 -6.38 -2.89
CA LYS B 281 8.68 -5.42 -2.23
C LYS B 281 7.95 -4.66 -1.13
N VAL B 282 8.69 -4.18 -0.15
CA VAL B 282 8.09 -3.41 0.93
C VAL B 282 9.17 -2.55 1.55
N THR B 283 8.79 -1.36 1.97
CA THR B 283 9.71 -0.46 2.62
C THR B 283 9.38 -0.38 4.11
N GLN B 284 10.41 -0.57 4.93
CA GLN B 284 10.28 -0.57 6.39
C GLN B 284 10.62 0.82 6.90
N GLU B 285 9.82 1.37 7.81
CA GLU B 285 10.10 2.69 8.36
C GLU B 285 10.54 2.61 9.82
N ALA B 286 11.16 3.69 10.33
CA ALA B 286 11.63 3.70 11.72
C ALA B 286 10.47 3.33 12.61
N GLY B 287 10.70 2.42 13.55
CA GLY B 287 9.66 2.06 14.49
C GLY B 287 8.83 0.87 14.05
N GLU B 288 9.21 0.23 12.94
CA GLU B 288 8.50 -0.94 12.42
C GLU B 288 9.33 -2.22 12.47
N PHE B 289 8.66 -3.34 12.69
CA PHE B 289 9.32 -4.63 12.64
C PHE B 289 9.10 -5.29 11.29
N MET B 290 10.13 -5.96 10.81
CA MET B 290 9.95 -6.94 9.74
C MET B 290 10.24 -8.32 10.34
N ILE B 291 9.43 -9.30 9.94
CA ILE B 291 9.63 -10.69 10.25
C ILE B 291 9.94 -11.44 8.95
N THR B 292 11.00 -12.24 8.98
CA THR B 292 11.35 -13.12 7.87
CA THR B 292 11.30 -13.12 7.85
C THR B 292 10.95 -14.56 8.22
N PHE B 293 10.44 -15.31 7.27
CA PHE B 293 9.99 -16.66 7.59
C PHE B 293 10.94 -17.73 7.06
N PRO B 294 10.86 -18.96 7.62
CA PRO B 294 11.72 -20.05 7.18
C PRO B 294 11.69 -20.20 5.67
N TYR B 295 12.88 -20.23 5.08
CA TYR B 295 13.07 -20.41 3.65
C TYR B 295 12.52 -19.24 2.83
N GLY B 296 12.44 -18.07 3.45
CA GLY B 296 12.04 -16.88 2.73
C GLY B 296 13.27 -16.17 2.20
N TYR B 297 13.51 -16.22 0.90
CA TYR B 297 14.62 -15.49 0.30
C TYR B 297 14.34 -14.01 0.35
N HIS B 298 15.33 -13.22 0.76
CA HIS B 298 15.09 -11.79 0.83
C HIS B 298 16.38 -11.04 0.61
N ALA B 299 16.25 -9.78 0.23
CA ALA B 299 17.37 -8.87 0.04
C ALA B 299 16.83 -7.43 0.11
N GLY B 300 17.73 -6.44 0.14
CA GLY B 300 17.30 -5.06 0.13
C GLY B 300 18.42 -4.05 0.32
N PHE B 301 18.05 -2.82 0.69
CA PHE B 301 19.05 -1.76 0.85
C PHE B 301 18.54 -0.63 1.76
N ASN B 302 19.46 0.13 2.32
CA ASN B 302 19.09 1.25 3.18
C ASN B 302 19.00 2.55 2.41
N HIS B 303 18.03 3.39 2.79
CA HIS B 303 17.82 4.66 2.10
C HIS B 303 18.82 5.73 2.55
N GLY B 304 19.35 5.58 3.77
CA GLY B 304 20.20 6.59 4.36
C GLY B 304 20.57 6.16 5.75
N PHE B 305 21.06 7.09 6.55
CA PHE B 305 21.56 6.76 7.87
C PHE B 305 20.42 6.18 8.71
N ASN B 306 20.66 5.03 9.33
CA ASN B 306 19.63 4.37 10.14
C ASN B 306 20.26 3.32 11.03
N CYS B 307 19.44 2.71 11.89
CA CYS B 307 19.94 1.68 12.77
C CYS B 307 18.87 0.62 12.98
N ALA B 308 19.23 -0.62 12.74
CA ALA B 308 18.30 -1.71 12.88
C ALA B 308 18.89 -2.74 13.83
N GLU B 309 18.02 -3.44 14.54
CA GLU B 309 18.46 -4.51 15.42
C GLU B 309 17.79 -5.81 15.06
N SER B 310 18.52 -6.92 15.12
CA SER B 310 17.89 -8.20 14.79
C SER B 310 18.51 -9.41 15.43
N THR B 311 17.78 -10.51 15.30
CA THR B 311 18.20 -11.82 15.76
C THR B 311 17.31 -12.88 15.08
N ASN B 312 17.67 -14.15 15.24
CA ASN B 312 16.83 -15.19 14.70
C ASN B 312 15.92 -15.68 15.81
N PHE B 313 14.88 -16.42 15.44
CA PHE B 313 14.06 -17.11 16.43
C PHE B 313 13.38 -18.26 15.74
N ALA B 314 12.71 -19.11 16.52
CA ALA B 314 12.09 -20.28 15.95
C ALA B 314 10.65 -20.46 16.44
N THR B 315 9.90 -21.26 15.71
CA THR B 315 8.62 -21.79 16.17
C THR B 315 8.65 -23.28 15.89
N ARG B 316 7.55 -23.98 16.20
CA ARG B 316 7.50 -25.43 16.04
C ARG B 316 7.64 -25.85 14.58
N ARG B 317 7.02 -25.12 13.66
CA ARG B 317 7.11 -25.54 12.28
C ARG B 317 8.49 -25.32 11.68
N TRP B 318 9.30 -24.46 12.32
CA TRP B 318 10.70 -24.31 11.88
C TRP B 318 11.53 -25.59 11.96
N ILE B 319 11.22 -26.45 12.92
CA ILE B 319 12.04 -27.64 13.18
C ILE B 319 12.31 -28.44 11.92
N GLU B 320 11.25 -28.69 11.17
CA GLU B 320 11.36 -29.39 9.90
C GLU B 320 12.27 -28.67 8.90
N TYR B 321 12.19 -27.34 8.84
CA TYR B 321 13.09 -26.61 7.95
C TYR B 321 14.53 -26.80 8.39
N GLY B 322 14.72 -26.69 9.70
CA GLY B 322 16.03 -26.88 10.32
C GLY B 322 16.61 -28.20 9.87
N LYS B 323 15.77 -29.25 9.86
CA LYS B 323 16.23 -30.62 9.57
C LYS B 323 16.64 -30.75 8.11
N GLN B 324 15.96 -30.02 7.24
CA GLN B 324 16.20 -30.14 5.80
C GLN B 324 17.18 -29.12 5.27
N ALA B 325 17.48 -28.08 6.05
CA ALA B 325 18.25 -26.94 5.56
C ALA B 325 19.46 -27.39 4.75
N VAL B 326 19.63 -26.85 3.56
CA VAL B 326 20.85 -27.08 2.77
C VAL B 326 21.93 -26.07 3.18
N LEU B 327 23.04 -26.58 3.70
CA LEU B 327 24.03 -25.72 4.34
C LEU B 327 25.28 -25.50 3.50
N CYS B 328 25.93 -24.37 3.75
CA CYS B 328 27.18 -24.01 3.09
C CYS B 328 28.25 -25.10 3.33
N SER B 329 28.81 -25.62 2.24
CA SER B 329 29.75 -26.74 2.33
C SER B 329 31.24 -26.34 2.28
N CYS B 330 31.53 -25.06 2.03
CA CYS B 330 32.88 -24.65 1.69
C CYS B 330 33.60 -23.81 2.74
N ARG B 331 32.86 -23.30 3.72
CA ARG B 331 33.45 -22.35 4.67
C ARG B 331 33.74 -22.93 6.04
N LYS B 332 34.50 -22.16 6.82
CA LYS B 332 34.75 -22.46 8.22
C LYS B 332 33.87 -21.54 9.06
N ASP B 333 33.50 -22.00 10.25
CA ASP B 333 32.68 -21.21 11.16
C ASP B 333 31.33 -20.81 10.57
N MET B 334 30.84 -21.57 9.59
CA MET B 334 29.47 -21.36 9.10
C MET B 334 28.49 -21.88 10.14
N VAL B 335 27.31 -21.29 10.19
CA VAL B 335 26.37 -21.58 11.26
C VAL B 335 25.61 -22.88 11.06
N LYS B 336 25.99 -23.89 11.84
CA LYS B 336 25.22 -25.11 11.89
C LYS B 336 24.71 -25.29 13.31
N ILE B 337 23.47 -25.74 13.41
CA ILE B 337 22.85 -26.01 14.69
C ILE B 337 22.50 -27.48 14.67
N SER B 338 22.84 -28.21 15.73
CA SER B 338 22.44 -29.61 15.83
C SER B 338 20.94 -29.71 16.05
N MET B 339 20.24 -30.41 15.16
CA MET B 339 18.79 -30.49 15.25
C MET B 339 18.32 -31.47 16.33
N ASP B 340 19.26 -32.20 16.90
CA ASP B 340 18.97 -33.38 17.72
C ASP B 340 18.00 -33.07 18.87
N VAL B 341 18.33 -32.05 19.67
CA VAL B 341 17.53 -31.70 20.83
C VAL B 341 16.08 -31.34 20.45
N PHE B 342 15.90 -30.79 19.24
CA PHE B 342 14.57 -30.39 18.76
C PHE B 342 13.72 -31.56 18.32
N VAL B 343 14.35 -32.50 17.61
CA VAL B 343 13.59 -33.63 17.12
C VAL B 343 13.18 -34.47 18.33
N ARG B 344 14.10 -34.62 19.26
CA ARG B 344 13.86 -35.48 20.41
C ARG B 344 12.75 -34.94 21.29
N LYS B 345 12.74 -33.63 21.51
CA LYS B 345 11.73 -32.99 22.35
C LYS B 345 10.37 -32.83 21.66
N PHE B 346 10.37 -32.37 20.39
CA PHE B 346 9.10 -32.05 19.72
C PHE B 346 8.61 -33.08 18.72
N GLN B 347 9.47 -33.99 18.31
CA GLN B 347 9.08 -35.08 17.43
C GLN B 347 9.57 -36.44 17.95
N PRO B 348 9.27 -36.77 19.23
CA PRO B 348 9.75 -38.03 19.79
C PRO B 348 9.34 -39.25 18.94
N GLU B 349 8.16 -39.21 18.32
CA GLU B 349 7.68 -40.35 17.54
C GLU B 349 8.42 -40.50 16.21
N ARG B 350 9.23 -39.51 15.85
CA ARG B 350 9.99 -39.58 14.59
CA ARG B 350 9.99 -39.60 14.59
C ARG B 350 11.50 -39.64 14.83
N TYR B 351 11.89 -39.55 16.10
CA TYR B 351 13.31 -39.47 16.45
C TYR B 351 14.17 -40.65 16.01
N LYS B 352 13.69 -41.86 16.27
CA LYS B 352 14.43 -43.04 15.88
C LYS B 352 14.60 -43.05 14.36
N LEU B 353 13.49 -42.82 13.64
CA LEU B 353 13.52 -42.77 12.18
C LEU B 353 14.53 -41.74 11.65
N TRP B 354 14.45 -40.52 12.19
CA TRP B 354 15.33 -39.43 11.77
C TRP B 354 16.80 -39.80 11.98
N LYS B 355 17.14 -40.26 13.18
CA LYS B 355 18.54 -40.59 13.48
C LYS B 355 19.10 -41.60 12.49
N ALA B 356 18.21 -42.43 11.96
CA ALA B 356 18.58 -43.46 11.00
C ALA B 356 18.60 -42.95 9.57
N GLY B 357 18.40 -41.64 9.37
CA GLY B 357 18.37 -41.05 8.05
C GLY B 357 17.21 -41.51 7.18
N LYS B 358 16.13 -41.96 7.81
CA LYS B 358 14.99 -42.48 7.08
C LYS B 358 13.73 -41.60 7.16
N ASP B 359 13.84 -40.43 7.79
CA ASP B 359 12.72 -39.51 7.90
C ASP B 359 12.56 -38.69 6.63
N ASN B 360 11.55 -39.00 5.82
CA ASN B 360 11.40 -38.33 4.55
C ASN B 360 10.16 -37.43 4.47
N THR B 361 9.86 -36.81 5.59
CA THR B 361 8.87 -35.74 5.69
C THR B 361 9.11 -34.69 4.59
N VAL B 362 8.02 -34.28 3.94
CA VAL B 362 8.06 -33.26 2.91
C VAL B 362 7.42 -32.00 3.49
N ILE B 363 8.06 -30.85 3.26
CA ILE B 363 7.53 -29.60 3.76
C ILE B 363 6.50 -28.97 2.82
N ASP B 364 5.36 -28.58 3.39
CA ASP B 364 4.33 -27.80 2.70
C ASP B 364 4.40 -26.35 3.20
N HIS B 365 4.97 -25.47 2.37
CA HIS B 365 5.24 -24.09 2.80
C HIS B 365 4.02 -23.25 3.10
N THR B 366 2.82 -23.77 2.81
CA THR B 366 1.61 -22.98 2.99
C THR B 366 1.00 -23.17 4.38
N LEU B 367 1.39 -24.23 5.07
CA LEU B 367 0.82 -24.53 6.38
C LEU B 367 1.41 -23.62 7.47
N PRO B 368 0.52 -23.06 8.33
CA PRO B 368 0.94 -22.24 9.47
C PRO B 368 1.54 -23.13 10.55
N THR B 369 2.29 -22.54 11.47
CA THR B 369 2.87 -23.33 12.54
C THR B 369 1.71 -23.87 13.40
N PRO B 370 1.89 -25.06 14.00
CA PRO B 370 0.82 -25.68 14.81
C PRO B 370 0.15 -24.74 15.80
N GLU B 371 0.92 -23.79 16.35
CA GLU B 371 0.45 -22.94 17.45
C GLU B 371 -0.68 -22.00 17.04
N ALA B 372 -0.95 -21.93 15.73
CA ALA B 372 -1.99 -21.06 15.19
C ALA B 372 -3.34 -21.75 15.12
N ALA B 373 -3.42 -22.97 15.65
CA ALA B 373 -4.66 -23.75 15.60
C ALA B 373 -5.81 -23.06 16.33
N GLU B 374 -5.50 -22.34 17.40
CA GLU B 374 -6.51 -21.65 18.20
C GLU B 374 -7.17 -20.50 17.41
N PHE B 375 -6.58 -20.15 16.28
CA PHE B 375 -7.05 -19.04 15.46
C PHE B 375 -7.79 -19.50 14.23
N LEU B 376 -7.91 -20.82 14.06
CA LEU B 376 -8.42 -21.38 12.81
C LEU B 376 -9.67 -22.24 13.05
#